data_6M6W
#
_entry.id   6M6W
#
_cell.length_a   54.102
_cell.length_b   100.819
_cell.length_c   131.781
_cell.angle_alpha   90.000
_cell.angle_beta   97.090
_cell.angle_gamma   90.000
#
_symmetry.space_group_name_H-M   'P 1 21 1'
#
loop_
_entity.id
_entity.type
_entity.pdbx_description
1 polymer 'Toxin-antitoxin system antidote Mnt family'
2 polymer 'Toxin-antitoxin system toxin HepN family'
#
loop_
_entity_poly.entity_id
_entity_poly.type
_entity_poly.pdbx_seq_one_letter_code
_entity_poly.pdbx_strand_id
1 'polypeptide(L)'
;MQQLNENKIIKLLRDNIPKLQLIYLFGSYSQGTQHRNSDIDIAVLAADTLDNIARWELAQKLASALDSDVDLVDLRSAST
VLCQQVVTQGKQLWGTQQDDELFAVKTISMYQHLQAERQAIIDDVMANTAAKAHRGESL
;
A,F
2 'polypeptide(L)'
;MNDIIINKIATIKRCIKRIQQVYGDGSQFKQDFTLQDSVILNLQRCCEACIDIANHINRQQQLGIPQSSRDSFTLLAQNN
LITQPLSDNLKKMVGLRNIAVHDAQELNLDIVVHVVQHHLEDFEQFIDVIKAE
;
B,C,D,G,H,I
#
# COMPACT_ATOMS: atom_id res chain seq x y z
N LEU A 4 -18.56 19.86 -4.78
CA LEU A 4 -18.72 19.62 -3.35
C LEU A 4 -20.00 20.27 -2.86
N ASN A 5 -20.78 19.51 -2.12
CA ASN A 5 -21.94 20.10 -1.57
C ASN A 5 -21.44 20.53 -0.26
N GLU A 6 -21.18 21.81 -0.12
CA GLU A 6 -20.67 22.32 1.12
C GLU A 6 -21.65 22.16 2.27
N ASN A 7 -22.94 22.29 1.99
CA ASN A 7 -23.95 22.12 3.00
C ASN A 7 -23.91 20.72 3.60
N LYS A 8 -23.53 19.71 2.85
CA LYS A 8 -23.46 18.39 3.42
C LYS A 8 -22.33 18.39 4.40
N ILE A 9 -21.22 18.96 4.02
CA ILE A 9 -20.06 19.01 4.92
C ILE A 9 -20.42 19.75 6.20
N ILE A 10 -21.07 20.91 6.04
CA ILE A 10 -21.41 21.74 7.21
C ILE A 10 -22.35 20.98 8.14
N LYS A 11 -23.39 20.39 7.60
CA LYS A 11 -24.33 19.68 8.42
C LYS A 11 -23.71 18.51 9.11
N LEU A 12 -23.03 17.67 8.38
CA LEU A 12 -22.43 16.48 8.96
C LEU A 12 -21.49 16.82 10.12
N LEU A 13 -20.73 17.92 10.00
CA LEU A 13 -19.83 18.24 11.09
C LEU A 13 -20.52 18.96 12.24
N ARG A 14 -21.58 19.73 11.96
CA ARG A 14 -22.33 20.34 13.06
C ARG A 14 -23.05 19.29 13.89
N ASP A 15 -23.61 18.27 13.25
CA ASP A 15 -24.34 17.24 13.96
C ASP A 15 -23.44 16.31 14.77
N ASN A 16 -22.13 16.32 14.53
CA ASN A 16 -21.24 15.34 15.13
C ASN A 16 -20.13 15.90 16.01
N ILE A 17 -19.86 17.20 15.97
CA ILE A 17 -18.73 17.80 16.68
C ILE A 17 -19.27 18.75 17.74
N PRO A 18 -19.03 18.47 19.02
CA PRO A 18 -19.53 19.38 20.06
C PRO A 18 -18.77 20.69 20.09
N LYS A 19 -19.50 21.76 20.32
CA LYS A 19 -18.92 23.06 20.41
C LYS A 19 -18.01 23.38 19.25
N LEU A 20 -18.51 23.20 18.05
CA LEU A 20 -17.74 23.53 16.86
C LEU A 20 -17.62 25.03 16.67
N GLN A 21 -16.47 25.46 16.17
CA GLN A 21 -16.21 26.89 16.00
C GLN A 21 -15.80 27.30 14.60
N LEU A 22 -14.98 26.50 13.90
CA LEU A 22 -14.60 26.82 12.54
C LEU A 22 -14.64 25.56 11.68
N ILE A 23 -15.01 25.74 10.40
CA ILE A 23 -14.87 24.72 9.38
C ILE A 23 -14.15 25.34 8.19
N TYR A 24 -13.06 24.70 7.75
CA TYR A 24 -12.35 25.13 6.55
C TYR A 24 -12.31 24.01 5.53
N LEU A 25 -12.60 24.35 4.29
CA LEU A 25 -12.25 23.51 3.16
C LEU A 25 -10.92 24.01 2.62
N PHE A 26 -9.98 23.08 2.50
CA PHE A 26 -8.65 23.42 1.99
C PHE A 26 -8.21 22.28 1.09
N GLY A 27 -6.99 22.41 0.58
CA GLY A 27 -6.42 21.41 -0.30
C GLY A 27 -6.70 21.64 -1.77
N SER A 28 -6.76 20.51 -2.49
CA SER A 28 -7.03 20.53 -3.94
C SER A 28 -8.41 21.05 -4.27
N TYR A 29 -9.41 20.76 -3.43
CA TYR A 29 -10.78 21.11 -3.76
C TYR A 29 -11.09 22.59 -3.59
N SER A 30 -10.37 23.31 -2.72
CA SER A 30 -10.51 24.76 -2.69
C SER A 30 -9.55 25.45 -3.66
N SER A 38 -7.37 12.85 -5.49
CA SER A 38 -7.35 12.27 -4.15
C SER A 38 -8.43 12.86 -3.24
N ASP A 39 -8.01 13.52 -2.16
CA ASP A 39 -8.86 13.77 -1.01
C ASP A 39 -9.52 15.15 -1.03
N ILE A 40 -10.72 15.21 -0.46
CA ILE A 40 -11.24 16.47 0.07
C ILE A 40 -10.65 16.71 1.45
N ASP A 41 -9.94 17.82 1.59
CA ASP A 41 -9.23 18.18 2.81
C ASP A 41 -10.10 19.17 3.58
N ILE A 42 -10.46 18.82 4.81
CA ILE A 42 -11.34 19.64 5.63
C ILE A 42 -10.73 19.79 7.02
N ALA A 43 -10.72 21.01 7.53
CA ALA A 43 -10.23 21.31 8.87
C ALA A 43 -11.38 21.85 9.71
N VAL A 44 -11.44 21.41 10.97
CA VAL A 44 -12.42 21.91 11.92
C VAL A 44 -11.69 22.32 13.19
N LEU A 45 -12.22 23.34 13.87
CA LEU A 45 -11.79 23.72 15.20
C LEU A 45 -12.99 23.72 16.13
N ALA A 46 -12.91 22.95 17.20
CA ALA A 46 -13.90 22.94 18.26
C ALA A 46 -13.25 23.35 19.57
N ALA A 47 -14.07 23.50 20.61
CA ALA A 47 -13.56 23.95 21.89
C ALA A 47 -12.61 22.94 22.52
N ASP A 48 -12.84 21.65 22.27
CA ASP A 48 -11.93 20.61 22.70
C ASP A 48 -11.28 19.96 21.49
N THR A 49 -10.14 19.32 21.74
CA THR A 49 -9.58 18.43 20.75
C THR A 49 -10.47 17.22 20.61
N LEU A 50 -10.53 16.66 19.42
CA LEU A 50 -11.36 15.48 19.22
C LEU A 50 -10.55 14.21 19.42
N ASP A 51 -11.25 13.18 19.86
CA ASP A 51 -10.65 11.85 19.94
C ASP A 51 -10.16 11.45 18.55
N ASN A 52 -8.91 11.00 18.47
CA ASN A 52 -8.30 10.76 17.17
C ASN A 52 -9.06 9.69 16.39
N ILE A 53 -9.46 8.62 17.05
CA ILE A 53 -10.23 7.57 16.39
C ILE A 53 -11.60 8.07 16.00
N ALA A 54 -12.29 8.79 16.89
CA ALA A 54 -13.59 9.35 16.55
C ALA A 54 -13.51 10.30 15.35
N ARG A 55 -12.40 11.03 15.21
CA ARG A 55 -12.23 11.96 14.11
C ARG A 55 -12.06 11.22 12.78
N TRP A 56 -11.28 10.13 12.78
CA TRP A 56 -11.14 9.31 11.58
C TRP A 56 -12.47 8.70 11.17
N GLU A 57 -13.24 8.21 12.14
CA GLU A 57 -14.54 7.63 11.83
C GLU A 57 -15.49 8.70 11.28
N LEU A 58 -15.43 9.91 11.83
CA LEU A 58 -16.27 10.99 11.31
C LEU A 58 -15.81 11.37 9.90
N ALA A 59 -14.50 11.28 9.64
CA ALA A 59 -13.99 11.45 8.28
C ALA A 59 -14.63 10.46 7.31
N GLN A 60 -14.71 9.19 7.70
CA GLN A 60 -15.26 8.18 6.79
C GLN A 60 -16.75 8.37 6.56
N LYS A 61 -17.46 8.94 7.54
CA LYS A 61 -18.87 9.25 7.32
C LYS A 61 -19.02 10.32 6.25
N LEU A 62 -18.18 11.37 6.34
CA LEU A 62 -18.13 12.38 5.29
C LEU A 62 -17.71 11.75 3.97
N ALA A 63 -16.75 10.82 4.04
CA ALA A 63 -16.31 10.09 2.85
C ALA A 63 -17.46 9.35 2.18
N SER A 64 -18.28 8.66 2.97
CA SER A 64 -19.43 7.95 2.41
C SER A 64 -20.43 8.92 1.79
N ALA A 65 -20.73 10.02 2.50
CA ALA A 65 -21.75 10.95 2.04
C ALA A 65 -21.32 11.76 0.82
N LEU A 66 -20.02 11.94 0.62
CA LEU A 66 -19.50 12.69 -0.52
C LEU A 66 -18.94 11.78 -1.60
N ASP A 67 -19.02 10.46 -1.40
CA ASP A 67 -18.50 9.48 -2.36
C ASP A 67 -17.07 9.79 -2.76
N SER A 68 -16.24 10.14 -1.78
CA SER A 68 -14.86 10.46 -2.05
C SER A 68 -14.05 10.33 -0.78
N ASP A 69 -12.73 10.23 -0.93
CA ASP A 69 -11.87 10.21 0.23
C ASP A 69 -11.85 11.57 0.91
N VAL A 70 -11.80 11.56 2.23
CA VAL A 70 -11.88 12.77 3.05
C VAL A 70 -10.78 12.71 4.09
N ASP A 71 -10.03 13.81 4.23
CA ASP A 71 -9.09 13.97 5.32
C ASP A 71 -9.60 15.06 6.24
N LEU A 72 -9.96 14.69 7.46
CA LEU A 72 -10.50 15.64 8.43
C LEU A 72 -9.40 16.00 9.43
N VAL A 73 -9.04 17.28 9.48
CA VAL A 73 -7.95 17.78 10.30
C VAL A 73 -8.54 18.54 11.49
N ASP A 74 -8.10 18.17 12.70
CA ASP A 74 -8.49 18.87 13.92
C ASP A 74 -7.42 19.93 14.20
N LEU A 75 -7.77 21.20 13.95
CA LEU A 75 -6.80 22.27 14.07
C LEU A 75 -6.27 22.44 15.49
N ARG A 76 -7.02 21.98 16.51
CA ARG A 76 -6.55 22.10 17.88
C ARG A 76 -5.39 21.17 18.19
N SER A 77 -5.20 20.11 17.40
CA SER A 77 -4.07 19.20 17.59
C SER A 77 -3.21 19.06 16.35
N ALA A 78 -3.46 19.84 15.30
CA ALA A 78 -2.68 19.73 14.09
C ALA A 78 -1.38 20.52 14.22
N SER A 79 -0.41 20.16 13.39
CA SER A 79 0.89 20.82 13.41
C SER A 79 0.75 22.29 13.01
N THR A 80 1.78 23.07 13.37
CA THR A 80 1.84 24.46 12.95
C THR A 80 1.93 24.57 11.44
N VAL A 81 2.75 23.71 10.82
CA VAL A 81 2.90 23.74 9.37
C VAL A 81 1.55 23.58 8.67
N LEU A 82 0.71 22.66 9.14
CA LEU A 82 -0.55 22.42 8.45
C LEU A 82 -1.64 23.41 8.88
N CYS A 83 -1.56 23.95 10.11
CA CYS A 83 -2.41 25.08 10.46
C CYS A 83 -2.11 26.27 9.57
N GLN A 84 -0.82 26.50 9.26
CA GLN A 84 -0.46 27.59 8.38
C GLN A 84 -1.06 27.40 6.99
N GLN A 85 -1.08 26.15 6.51
CA GLN A 85 -1.66 25.88 5.19
C GLN A 85 -3.16 26.14 5.18
N VAL A 86 -3.86 25.76 6.25
CA VAL A 86 -5.30 26.02 6.32
C VAL A 86 -5.57 27.52 6.32
N VAL A 87 -4.73 28.28 7.02
CA VAL A 87 -4.94 29.72 7.07
C VAL A 87 -4.59 30.38 5.75
N THR A 88 -3.59 29.85 5.04
CA THR A 88 -3.15 30.45 3.79
C THR A 88 -4.11 30.16 2.65
N GLN A 89 -4.50 28.89 2.49
CA GLN A 89 -5.25 28.45 1.31
C GLN A 89 -6.68 28.04 1.61
N GLY A 90 -7.11 28.06 2.85
CA GLY A 90 -8.40 27.51 3.20
C GLY A 90 -9.56 28.44 2.87
N LYS A 91 -10.71 27.82 2.62
CA LYS A 91 -11.97 28.53 2.42
C LYS A 91 -12.86 28.26 3.62
N GLN A 92 -13.17 29.31 4.38
CA GLN A 92 -14.05 29.16 5.53
C GLN A 92 -15.47 28.83 5.08
N LEU A 93 -16.03 27.75 5.63
CA LEU A 93 -17.42 27.40 5.37
C LEU A 93 -18.33 27.60 6.58
N TRP A 94 -17.79 27.83 7.76
CA TRP A 94 -18.63 28.03 8.94
C TRP A 94 -17.78 28.67 10.02
N GLY A 95 -18.46 29.32 10.95
CA GLY A 95 -17.81 30.01 12.05
C GLY A 95 -17.80 31.52 11.84
N THR A 96 -17.56 32.23 12.94
CA THR A 96 -17.63 33.68 12.88
C THR A 96 -16.38 34.27 12.25
N GLN A 97 -16.48 35.53 11.81
CA GLN A 97 -15.32 36.22 11.28
C GLN A 97 -14.27 36.46 12.35
N GLN A 98 -14.70 36.65 13.60
CA GLN A 98 -13.75 36.89 14.69
C GLN A 98 -12.88 35.67 14.95
N ASP A 99 -13.50 34.48 15.04
CA ASP A 99 -12.76 33.27 15.32
C ASP A 99 -11.75 32.96 14.21
N ASP A 100 -12.13 33.23 12.95
CA ASP A 100 -11.20 33.02 11.85
C ASP A 100 -9.98 33.93 11.98
N GLU A 101 -10.19 35.19 12.34
CA GLU A 101 -9.07 36.13 12.44
C GLU A 101 -8.21 35.84 13.66
N LEU A 102 -8.83 35.43 14.78
CA LEU A 102 -8.04 34.97 15.92
C LEU A 102 -7.17 33.77 15.56
N PHE A 103 -7.76 32.77 14.92
CA PHE A 103 -7.02 31.57 14.55
C PHE A 103 -5.86 31.90 13.62
N ALA A 104 -6.08 32.84 12.69
CA ALA A 104 -5.04 33.23 11.74
C ALA A 104 -3.87 33.89 12.46
N VAL A 105 -4.15 34.82 13.37
CA VAL A 105 -3.07 35.56 14.01
C VAL A 105 -2.23 34.65 14.89
N LYS A 106 -2.87 33.74 15.61
CA LYS A 106 -2.14 32.75 16.39
C LYS A 106 -1.34 31.81 15.50
N THR A 107 -1.98 31.31 14.44
CA THR A 107 -1.30 30.40 13.52
C THR A 107 -0.10 31.07 12.86
N ILE A 108 -0.33 32.22 12.23
CA ILE A 108 0.71 32.88 11.46
C ILE A 108 1.90 33.25 12.35
N SER A 109 1.63 33.71 13.57
CA SER A 109 2.72 34.05 14.49
C SER A 109 3.54 32.82 14.86
N MET A 110 2.86 31.75 15.30
CA MET A 110 3.56 30.52 15.66
C MET A 110 4.40 30.00 14.51
N TYR A 111 3.94 30.21 13.28
CA TYR A 111 4.67 29.68 12.12
C TYR A 111 5.95 30.46 11.87
N GLN A 112 5.90 31.79 11.99
CA GLN A 112 7.12 32.58 11.83
C GLN A 112 8.13 32.26 12.92
N HIS A 113 7.65 31.95 14.13
CA HIS A 113 8.56 31.49 15.18
C HIS A 113 9.14 30.13 14.84
N LEU A 114 8.33 29.24 14.28
CA LEU A 114 8.83 27.90 13.96
C LEU A 114 9.83 27.96 12.82
N GLN A 115 9.65 28.88 11.88
CA GLN A 115 10.58 29.01 10.77
C GLN A 115 11.95 29.45 11.26
N ALA A 116 11.98 30.36 12.23
CA ALA A 116 13.23 30.75 12.85
C ALA A 116 13.91 29.57 13.53
N GLU A 117 13.15 28.74 14.24
CA GLU A 117 13.76 27.64 14.97
C GLU A 117 14.35 26.59 14.04
N ARG A 118 13.67 26.29 12.93
CA ARG A 118 14.00 25.12 12.13
C ARG A 118 14.63 25.42 10.78
N GLN A 119 14.93 26.70 10.46
CA GLN A 119 15.42 27.01 9.12
C GLN A 119 16.73 26.29 8.81
N ALA A 120 17.62 26.20 9.80
CA ALA A 120 18.86 25.48 9.58
C ALA A 120 18.60 24.03 9.17
N ILE A 121 17.53 23.43 9.70
CA ILE A 121 17.16 22.07 9.32
C ILE A 121 16.67 22.02 7.88
N ILE A 122 15.74 22.91 7.51
CA ILE A 122 15.23 22.88 6.13
C ILE A 122 16.36 23.19 5.14
N ASP A 123 17.25 24.13 5.49
CA ASP A 123 18.36 24.44 4.60
C ASP A 123 19.24 23.22 4.36
N ASP A 124 19.49 22.43 5.40
CA ASP A 124 20.39 21.28 5.23
C ASP A 124 19.74 20.17 4.43
N VAL A 125 18.41 20.03 4.54
CA VAL A 125 17.71 18.96 3.81
C VAL A 125 17.42 19.36 2.38
N MET A 126 17.53 20.64 2.03
CA MET A 126 17.33 21.07 0.65
C MET A 126 18.63 21.53 0.00
N ALA A 127 19.77 20.99 0.46
CA ALA A 127 21.06 21.15 -0.20
C ALA A 127 21.41 22.60 -0.53
N ASN B 2 -11.03 47.04 13.84
CA ASN B 2 -11.31 45.64 14.13
C ASN B 2 -10.87 45.33 15.56
N ASP B 3 -11.61 44.39 16.15
CA ASP B 3 -11.43 44.03 17.55
C ASP B 3 -10.01 43.56 17.84
N ILE B 4 -9.41 42.80 16.91
CA ILE B 4 -8.06 42.29 17.13
C ILE B 4 -7.06 43.44 17.23
N ILE B 5 -7.19 44.44 16.36
CA ILE B 5 -6.23 45.55 16.38
C ILE B 5 -6.42 46.39 17.63
N ILE B 6 -7.64 46.44 18.16
CA ILE B 6 -7.90 47.20 19.38
C ILE B 6 -7.17 46.58 20.56
N ASN B 7 -7.15 45.25 20.63
CA ASN B 7 -6.50 44.58 21.76
C ASN B 7 -4.99 44.59 21.64
N LYS B 8 -4.45 44.50 20.42
CA LYS B 8 -3.01 44.58 20.25
C LYS B 8 -2.51 45.99 20.57
N ILE B 9 -3.26 47.02 20.17
CA ILE B 9 -2.92 48.39 20.54
C ILE B 9 -2.98 48.58 22.04
N ALA B 10 -3.96 47.96 22.70
CA ALA B 10 -4.03 48.03 24.15
C ALA B 10 -2.84 47.35 24.78
N THR B 11 -2.44 46.18 24.26
CA THR B 11 -1.27 45.49 24.77
C THR B 11 -0.01 46.29 24.58
N ILE B 12 0.15 46.92 23.41
CA ILE B 12 1.31 47.78 23.18
C ILE B 12 1.32 48.91 24.21
N LYS B 13 0.15 49.49 24.48
CA LYS B 13 0.07 50.56 25.46
C LYS B 13 0.52 50.08 26.85
N ARG B 14 -0.05 48.99 27.30
CA ARG B 14 0.27 48.44 28.58
C ARG B 14 1.75 48.19 28.74
N CYS B 15 2.38 47.61 27.74
CA CYS B 15 3.78 47.22 27.81
C CYS B 15 4.71 48.44 27.77
N ILE B 16 4.38 49.49 27.01
CA ILE B 16 5.23 50.67 26.97
C ILE B 16 5.37 51.30 28.35
N LYS B 17 4.25 51.49 29.05
CA LYS B 17 4.31 52.06 30.39
C LYS B 17 5.05 51.14 31.36
N ARG B 18 4.83 49.83 31.24
CA ARG B 18 5.56 48.88 32.07
C ARG B 18 7.06 49.03 31.85
N ILE B 19 7.47 49.23 30.60
CA ILE B 19 8.88 49.53 30.32
C ILE B 19 9.29 50.83 31.00
N GLN B 20 8.46 51.83 30.85
CA GLN B 20 8.73 53.12 31.43
C GLN B 20 8.76 53.03 32.94
N GLN B 21 7.74 52.41 33.49
CA GLN B 21 7.63 52.30 34.92
C GLN B 21 8.72 51.48 35.54
N VAL B 22 9.23 50.50 34.80
CA VAL B 22 10.28 49.64 35.35
C VAL B 22 11.66 50.26 35.15
N TYR B 23 11.86 50.97 34.04
CA TYR B 23 13.13 51.64 33.78
C TYR B 23 13.31 52.90 34.61
N GLY B 24 12.28 53.36 35.31
CA GLY B 24 12.30 54.60 36.06
C GLY B 24 13.26 55.65 35.53
N ASP B 25 14.21 56.10 36.34
CA ASP B 25 15.18 57.05 35.85
C ASP B 25 16.41 56.43 35.18
N GLY B 26 16.56 55.11 35.18
CA GLY B 26 17.76 54.54 34.59
C GLY B 26 18.92 54.27 35.54
N SER B 27 18.95 54.91 36.72
CA SER B 27 20.09 54.80 37.62
C SER B 27 20.44 53.36 38.01
N GLN B 28 19.50 52.42 37.93
CA GLN B 28 19.77 51.05 38.35
C GLN B 28 19.63 50.03 37.23
N PHE B 29 19.33 50.46 36.00
CA PHE B 29 18.95 49.51 34.96
C PHE B 29 20.14 48.67 34.51
N LYS B 30 21.27 49.32 34.21
CA LYS B 30 22.46 48.58 33.79
C LYS B 30 22.97 47.65 34.88
N GLN B 31 22.53 47.83 36.12
CA GLN B 31 22.99 47.07 37.28
C GLN B 31 22.18 45.80 37.52
N ASP B 32 20.86 45.88 37.42
CA ASP B 32 19.97 44.87 37.98
C ASP B 32 19.45 43.97 36.87
N PHE B 33 19.79 42.68 36.94
CA PHE B 33 19.35 41.72 35.94
C PHE B 33 17.83 41.64 35.85
N THR B 34 17.13 41.82 36.96
CA THR B 34 15.68 41.70 36.97
C THR B 34 14.99 42.86 36.26
N LEU B 35 15.56 44.07 36.33
CA LEU B 35 14.93 45.17 35.59
C LEU B 35 15.25 45.08 34.11
N GLN B 36 16.41 44.54 33.77
CA GLN B 36 16.71 44.22 32.37
C GLN B 36 15.78 43.16 31.84
N ASP B 37 15.50 42.12 32.64
CA ASP B 37 14.60 41.07 32.20
C ASP B 37 13.20 41.62 31.96
N SER B 38 12.69 42.42 32.91
CA SER B 38 11.36 43.00 32.76
C SER B 38 11.27 43.87 31.52
N VAL B 39 12.23 44.79 31.35
CA VAL B 39 12.22 45.68 30.20
C VAL B 39 12.30 44.89 28.90
N ILE B 40 13.20 43.90 28.84
CA ILE B 40 13.37 43.13 27.61
C ILE B 40 12.11 42.33 27.29
N LEU B 41 11.47 41.76 28.32
CA LEU B 41 10.29 40.95 28.05
C LEU B 41 9.13 41.81 27.58
N ASN B 42 9.03 43.04 28.07
CA ASN B 42 7.98 43.95 27.63
C ASN B 42 8.27 44.53 26.25
N LEU B 43 9.54 44.66 25.86
CA LEU B 43 9.84 45.02 24.48
C LEU B 43 9.42 43.92 23.52
N GLN B 44 9.68 42.66 23.88
CA GLN B 44 9.24 41.55 23.05
C GLN B 44 7.73 41.58 22.84
N ARG B 45 6.97 41.80 23.91
CA ARG B 45 5.52 41.83 23.77
C ARG B 45 5.07 42.94 22.84
N CYS B 46 5.67 44.13 22.98
CA CYS B 46 5.39 45.21 22.04
C CYS B 46 5.69 44.78 20.61
N CYS B 47 6.85 44.15 20.40
CA CYS B 47 7.20 43.69 19.06
C CYS B 47 6.18 42.69 18.52
N GLU B 48 5.80 41.71 19.36
CA GLU B 48 4.84 40.70 18.90
C GLU B 48 3.47 41.30 18.63
N ALA B 49 3.01 42.22 19.48
CA ALA B 49 1.73 42.85 19.21
C ALA B 49 1.75 43.61 17.88
N CYS B 50 2.88 44.26 17.58
CA CYS B 50 3.03 44.93 16.29
C CYS B 50 3.05 43.92 15.14
N ILE B 51 3.82 42.84 15.30
CA ILE B 51 3.89 41.80 14.27
C ILE B 51 2.51 41.20 14.00
N ASP B 52 1.71 40.99 15.04
CA ASP B 52 0.38 40.42 14.87
C ASP B 52 -0.53 41.37 14.11
N ILE B 53 -0.49 42.67 14.41
CA ILE B 53 -1.21 43.65 13.60
C ILE B 53 -0.80 43.54 12.14
N ALA B 54 0.51 43.49 11.89
CA ALA B 54 1.02 43.40 10.53
C ALA B 54 0.54 42.14 9.84
N ASN B 55 0.60 41.00 10.55
CA ASN B 55 0.16 39.74 9.98
C ASN B 55 -1.34 39.76 9.70
N HIS B 56 -2.11 40.40 10.59
CA HIS B 56 -3.56 40.49 10.44
C HIS B 56 -3.97 41.35 9.25
N ILE B 57 -3.31 42.49 9.05
CA ILE B 57 -3.66 43.35 7.92
C ILE B 57 -3.27 42.69 6.61
N ASN B 58 -2.06 42.13 6.54
CA ASN B 58 -1.61 41.45 5.33
C ASN B 58 -2.56 40.32 4.93
N ARG B 59 -3.00 39.50 5.88
CA ARG B 59 -3.87 38.39 5.53
C ARG B 59 -5.24 38.88 5.04
N GLN B 60 -5.85 39.82 5.79
CA GLN B 60 -7.25 40.13 5.57
C GLN B 60 -7.46 41.13 4.43
N GLN B 61 -6.41 41.78 3.93
CA GLN B 61 -6.51 42.56 2.71
C GLN B 61 -5.60 41.98 1.62
N GLN B 62 -5.13 40.75 1.82
CA GLN B 62 -4.55 39.92 0.75
C GLN B 62 -3.41 40.60 0.01
N LEU B 63 -2.48 41.17 0.79
CA LEU B 63 -1.27 41.77 0.28
C LEU B 63 -0.14 40.75 0.17
N GLY B 64 -0.31 39.58 0.74
CA GLY B 64 0.67 38.51 0.62
C GLY B 64 0.74 37.68 1.88
N ILE B 65 1.56 36.65 1.82
CA ILE B 65 1.80 35.75 2.94
C ILE B 65 3.24 36.13 3.52
N PRO B 66 3.31 36.54 4.76
CA PRO B 66 4.59 36.89 5.36
C PRO B 66 5.37 35.65 5.67
N GLN B 67 6.57 35.60 5.15
CA GLN B 67 7.43 34.48 5.40
C GLN B 67 7.92 34.56 6.82
N SER B 68 8.22 35.78 7.28
CA SER B 68 8.78 35.98 8.60
C SER B 68 8.18 37.25 9.16
N SER B 69 8.45 37.48 10.45
CA SER B 69 7.96 38.70 11.08
C SER B 69 8.49 39.94 10.38
N ARG B 70 9.72 39.88 9.87
CA ARG B 70 10.31 41.06 9.23
C ARG B 70 9.58 41.41 7.94
N ASP B 71 9.33 40.41 7.08
CA ASP B 71 8.67 40.71 5.81
C ASP B 71 7.25 41.20 6.05
N SER B 72 6.65 40.81 7.18
CA SER B 72 5.30 41.29 7.49
C SER B 72 5.27 42.81 7.52
N PHE B 73 6.33 43.44 8.02
CA PHE B 73 6.40 44.90 7.97
C PHE B 73 6.79 45.41 6.60
N THR B 74 7.62 44.68 5.84
CA THR B 74 7.97 45.15 4.50
C THR B 74 6.77 45.13 3.56
N LEU B 75 5.88 44.15 3.69
CA LEU B 75 4.71 44.12 2.83
C LEU B 75 3.75 45.27 3.15
N LEU B 76 3.65 45.66 4.42
CA LEU B 76 2.86 46.84 4.74
C LEU B 76 3.51 48.09 4.14
N ALA B 77 4.83 48.13 4.08
CA ALA B 77 5.51 49.30 3.54
C ALA B 77 5.36 49.38 2.02
N GLN B 78 5.49 48.25 1.31
CA GLN B 78 5.39 48.29 -0.15
C GLN B 78 3.96 48.56 -0.63
N ASN B 79 2.97 48.42 0.24
CA ASN B 79 1.62 48.89 -0.06
C ASN B 79 1.35 50.24 0.60
N ASN B 80 2.40 50.89 1.12
CA ASN B 80 2.36 52.30 1.55
C ASN B 80 1.40 52.55 2.71
N LEU B 81 1.23 51.56 3.59
CA LEU B 81 0.43 51.75 4.80
C LEU B 81 1.26 52.05 6.04
N ILE B 82 2.58 51.81 6.00
CA ILE B 82 3.52 52.41 6.94
C ILE B 82 4.64 53.00 6.11
N THR B 83 5.25 54.06 6.64
CA THR B 83 6.39 54.65 5.94
C THR B 83 7.54 53.66 5.96
N GLN B 84 8.37 53.70 4.91
CA GLN B 84 9.59 52.90 4.92
C GLN B 84 10.40 53.12 6.19
N PRO B 85 10.78 54.36 6.56
CA PRO B 85 11.60 54.54 7.78
C PRO B 85 11.06 53.82 9.01
N LEU B 86 9.75 53.83 9.23
CA LEU B 86 9.19 53.13 10.38
C LEU B 86 9.24 51.62 10.19
N SER B 87 9.09 51.14 8.95
CA SER B 87 9.24 49.71 8.70
C SER B 87 10.60 49.20 9.17
N ASP B 88 11.68 49.90 8.80
CA ASP B 88 13.02 49.43 9.14
C ASP B 88 13.30 49.55 10.64
N ASN B 89 12.73 50.56 11.29
CA ASN B 89 12.88 50.68 12.73
C ASN B 89 12.22 49.50 13.43
N LEU B 90 11.00 49.17 13.04
CA LEU B 90 10.32 47.99 13.60
C LEU B 90 11.09 46.71 13.29
N LYS B 91 11.63 46.61 12.08
CA LYS B 91 12.43 45.45 11.71
C LYS B 91 13.71 45.35 12.53
N LYS B 92 14.32 46.50 12.87
CA LYS B 92 15.53 46.48 13.69
C LYS B 92 15.22 46.28 15.17
N MET B 93 14.02 46.68 15.62
CA MET B 93 13.61 46.37 16.99
C MET B 93 13.36 44.88 17.17
N VAL B 94 12.80 44.21 16.15
CA VAL B 94 12.64 42.76 16.23
C VAL B 94 14.00 42.09 16.39
N GLY B 95 14.98 42.52 15.60
CA GLY B 95 16.31 41.95 15.71
C GLY B 95 17.00 42.19 17.03
N LEU B 96 16.73 43.33 17.68
CA LEU B 96 17.38 43.58 18.96
C LEU B 96 16.79 42.70 20.04
N ARG B 97 15.48 42.55 20.02
CA ARG B 97 14.79 41.59 20.88
C ARG B 97 15.34 40.18 20.70
N ASN B 98 15.57 39.77 19.45
CA ASN B 98 16.08 38.42 19.20
C ASN B 98 17.41 38.20 19.90
N ILE B 99 18.30 39.20 19.81
CA ILE B 99 19.54 39.16 20.58
C ILE B 99 19.25 39.26 22.07
N ALA B 100 18.23 40.05 22.45
CA ALA B 100 17.98 40.30 23.86
C ALA B 100 17.41 39.07 24.57
N VAL B 101 16.57 38.29 23.90
CA VAL B 101 15.96 37.14 24.55
C VAL B 101 16.78 35.87 24.32
N HIS B 102 17.39 35.70 23.14
CA HIS B 102 18.02 34.44 22.78
C HIS B 102 19.53 34.41 23.01
N ASP B 103 20.17 35.56 23.26
CA ASP B 103 21.62 35.61 23.40
C ASP B 103 22.01 36.85 24.19
N ALA B 104 21.50 36.94 25.43
CA ALA B 104 21.61 38.16 26.21
C ALA B 104 23.06 38.51 26.58
N GLN B 105 23.94 37.51 26.64
CA GLN B 105 25.32 37.81 27.04
C GLN B 105 26.13 38.46 25.91
N GLU B 106 25.56 38.54 24.71
CA GLU B 106 26.10 39.40 23.66
C GLU B 106 25.24 40.63 23.44
N LEU B 107 24.27 40.87 24.31
CA LEU B 107 23.39 42.01 24.19
C LEU B 107 24.08 43.27 24.67
N ASN B 108 24.07 44.31 23.82
CA ASN B 108 24.55 45.63 24.19
C ASN B 108 23.40 46.38 24.84
N LEU B 109 23.41 46.43 26.18
CA LEU B 109 22.36 47.07 26.96
C LEU B 109 22.27 48.57 26.72
N ASP B 110 23.36 49.20 26.24
CA ASP B 110 23.28 50.60 25.84
C ASP B 110 22.33 50.79 24.65
N ILE B 111 22.28 49.81 23.75
CA ILE B 111 21.27 49.83 22.70
C ILE B 111 19.87 49.75 23.30
N VAL B 112 19.69 48.90 24.31
CA VAL B 112 18.40 48.80 24.96
C VAL B 112 18.05 50.11 25.66
N VAL B 113 19.04 50.72 26.31
CA VAL B 113 18.78 52.01 26.96
C VAL B 113 18.50 53.07 25.91
N HIS B 114 19.18 53.01 24.77
CA HIS B 114 18.89 53.95 23.69
C HIS B 114 17.48 53.73 23.15
N VAL B 115 17.10 52.47 22.97
CA VAL B 115 15.75 52.18 22.49
C VAL B 115 14.72 52.63 23.52
N VAL B 116 14.97 52.34 24.80
CA VAL B 116 14.05 52.76 25.87
C VAL B 116 13.85 54.27 25.85
N GLN B 117 14.92 55.04 25.66
CA GLN B 117 14.83 56.48 25.80
C GLN B 117 14.35 57.21 24.54
N HIS B 118 14.61 56.67 23.35
CA HIS B 118 14.37 57.40 22.11
C HIS B 118 13.52 56.68 21.06
N HIS B 119 13.23 55.38 21.23
CA HIS B 119 12.60 54.61 20.17
C HIS B 119 11.26 53.98 20.54
N LEU B 120 10.75 54.19 21.75
CA LEU B 120 9.42 53.70 22.10
C LEU B 120 8.30 54.40 21.36
N GLU B 121 8.52 55.59 20.79
CA GLU B 121 7.52 56.20 19.94
C GLU B 121 7.44 55.55 18.55
N ASP B 122 8.45 54.77 18.15
CA ASP B 122 8.31 53.96 16.93
C ASP B 122 7.10 53.05 17.04
N PHE B 123 6.94 52.42 18.21
CA PHE B 123 5.71 51.66 18.47
C PHE B 123 4.48 52.56 18.41
N GLU B 124 4.55 53.69 19.11
CA GLU B 124 3.41 54.61 19.18
C GLU B 124 3.14 55.28 17.85
N GLN B 125 4.17 55.47 17.03
CA GLN B 125 3.96 55.95 15.66
C GLN B 125 3.29 54.87 14.83
N PHE B 126 3.63 53.61 15.10
CA PHE B 126 2.98 52.51 14.40
C PHE B 126 1.51 52.43 14.81
N ILE B 127 1.21 52.73 16.07
CA ILE B 127 -0.18 52.67 16.52
C ILE B 127 -0.99 53.83 15.96
N ASP B 128 -0.36 55.00 15.80
CA ASP B 128 -1.08 56.16 15.29
C ASP B 128 -1.39 56.01 13.81
N VAL B 129 -0.48 55.37 13.05
CA VAL B 129 -0.77 55.09 11.65
C VAL B 129 -1.91 54.09 11.54
N ILE B 130 -1.67 52.84 11.97
CA ILE B 130 -2.71 51.81 11.97
C ILE B 130 -4.06 52.38 12.41
N LYS B 131 -4.10 53.05 13.57
CA LYS B 131 -5.37 53.55 14.09
C LYS B 131 -5.99 54.59 13.17
N ALA B 132 -5.16 55.40 12.52
CA ALA B 132 -5.64 56.37 11.54
C ALA B 132 -5.79 55.73 10.16
N GLU B 133 -6.56 54.65 10.10
CA GLU B 133 -6.78 53.92 8.86
C GLU B 133 -7.65 54.72 7.89
N ASN C 2 29.15 20.92 18.29
CA ASN C 2 29.32 20.71 19.72
C ASN C 2 29.46 22.04 20.44
N ASP C 3 30.06 23.00 19.77
CA ASP C 3 30.28 24.29 20.35
C ASP C 3 28.96 24.91 20.78
N ILE C 4 27.99 24.86 19.89
CA ILE C 4 26.70 25.46 20.16
C ILE C 4 25.86 24.80 21.22
N ILE C 5 26.11 23.55 21.51
CA ILE C 5 25.33 22.86 22.49
C ILE C 5 25.75 23.19 23.88
N ILE C 6 27.04 23.38 24.07
CA ILE C 6 27.53 23.68 25.39
C ILE C 6 27.01 25.01 25.84
N ASN C 7 27.04 25.98 24.94
CA ASN C 7 26.57 27.30 25.27
C ASN C 7 25.11 27.30 25.63
N LYS C 8 24.32 26.49 24.94
CA LYS C 8 22.91 26.43 25.21
C LYS C 8 22.73 25.80 26.57
N ILE C 9 23.49 24.76 26.83
CA ILE C 9 23.42 24.09 28.09
C ILE C 9 23.76 25.08 29.18
N ALA C 10 24.80 25.84 28.94
CA ALA C 10 25.15 26.85 29.94
C ALA C 10 24.05 27.88 30.13
N THR C 11 23.41 28.29 29.03
CA THR C 11 22.33 29.27 29.11
C THR C 11 21.19 28.73 29.96
N ILE C 12 20.85 27.45 29.82
CA ILE C 12 19.77 26.87 30.60
C ILE C 12 20.07 26.95 32.09
N LYS C 13 21.29 26.58 32.48
CA LYS C 13 21.69 26.66 33.88
C LYS C 13 21.64 28.09 34.40
N ARG C 14 22.18 29.04 33.63
CA ARG C 14 22.14 30.43 34.07
C ARG C 14 20.70 30.89 34.27
N CYS C 15 19.82 30.50 33.35
CA CYS C 15 18.42 30.93 33.43
C CYS C 15 17.71 30.24 34.59
N ILE C 16 18.01 28.97 34.83
CA ILE C 16 17.43 28.26 35.96
C ILE C 16 17.79 28.97 37.26
N LYS C 17 19.06 29.22 37.45
CA LYS C 17 19.46 29.88 38.66
C LYS C 17 18.76 31.22 38.82
N ARG C 18 18.67 31.98 37.74
CA ARG C 18 18.09 33.32 37.87
C ARG C 18 16.61 33.25 38.23
N ILE C 19 15.90 32.24 37.70
CA ILE C 19 14.51 32.04 38.11
C ILE C 19 14.44 31.80 39.61
N GLN C 20 15.30 30.91 40.12
CA GLN C 20 15.26 30.56 41.53
C GLN C 20 15.58 31.76 42.41
N GLN C 21 16.62 32.53 42.03
CA GLN C 21 16.97 33.72 42.81
C GLN C 21 15.85 34.75 42.80
N VAL C 22 15.17 34.92 41.67
CA VAL C 22 14.15 35.95 41.58
C VAL C 22 12.84 35.48 42.23
N TYR C 23 12.52 34.18 42.10
CA TYR C 23 11.33 33.66 42.77
C TYR C 23 11.52 33.48 44.27
N GLY C 24 12.75 33.63 44.76
CA GLY C 24 13.08 33.42 46.16
C GLY C 24 12.15 32.48 46.91
N ASP C 25 11.45 33.00 47.92
CA ASP C 25 10.51 32.19 48.68
C ASP C 25 9.09 32.15 48.11
N GLY C 26 8.79 32.87 47.02
CA GLY C 26 7.43 32.86 46.51
C GLY C 26 6.51 33.93 47.04
N SER C 27 6.84 34.48 48.21
CA SER C 27 5.97 35.42 48.93
C SER C 27 5.46 36.59 48.08
N GLN C 28 6.35 37.45 47.60
CA GLN C 28 5.90 38.63 46.87
C GLN C 28 5.84 38.43 45.34
N PHE C 29 5.97 37.20 44.87
CA PHE C 29 6.00 36.94 43.43
C PHE C 29 4.68 37.33 42.77
N LYS C 30 3.56 36.88 43.33
CA LYS C 30 2.26 37.09 42.71
C LYS C 30 1.78 38.53 42.79
N GLN C 31 2.45 39.40 43.57
CA GLN C 31 1.99 40.77 43.77
C GLN C 31 2.96 41.81 43.20
N ASP C 32 3.91 41.40 42.35
CA ASP C 32 4.89 42.29 41.77
C ASP C 32 5.12 41.82 40.34
N PHE C 33 4.75 42.67 39.38
CA PHE C 33 4.81 42.28 37.98
C PHE C 33 6.24 42.14 37.46
N THR C 34 7.19 42.72 38.16
CA THR C 34 8.54 42.70 37.72
C THR C 34 9.19 41.36 37.94
N LEU C 35 8.81 40.69 39.01
CA LEU C 35 9.36 39.38 39.25
C LEU C 35 8.76 38.42 38.25
N GLN C 36 7.49 38.59 37.97
CA GLN C 36 6.80 37.78 37.02
C GLN C 36 7.50 37.89 35.68
N ASP C 37 7.79 39.11 35.28
CA ASP C 37 8.45 39.32 34.00
C ASP C 37 9.78 38.58 33.92
N SER C 38 10.62 38.73 34.95
CA SER C 38 11.92 38.08 34.95
C SER C 38 11.78 36.56 34.89
N VAL C 39 10.96 35.99 35.78
CA VAL C 39 10.76 34.55 35.78
C VAL C 39 10.21 34.07 34.43
N ILE C 40 9.20 34.77 33.92
CA ILE C 40 8.58 34.35 32.67
C ILE C 40 9.57 34.44 31.52
N LEU C 41 10.38 35.50 31.48
CA LEU C 41 11.32 35.65 30.39
C LEU C 41 12.46 34.63 30.49
N ASN C 42 12.87 34.27 31.71
CA ASN C 42 13.90 33.24 31.83
C ASN C 42 13.35 31.84 31.57
N LEU C 43 12.07 31.61 31.82
CA LEU C 43 11.46 30.34 31.40
C LEU C 43 11.45 30.20 29.89
N GLN C 44 11.05 31.27 29.19
CA GLN C 44 11.08 31.24 27.73
C GLN C 44 12.48 30.95 27.21
N ARG C 45 13.50 31.55 27.83
CA ARG C 45 14.88 31.28 27.45
C ARG C 45 15.24 29.81 27.61
N CYS C 46 14.84 29.19 28.72
CA CYS C 46 15.10 27.76 28.89
C CYS C 46 14.44 26.94 27.78
N CYS C 47 13.17 27.23 27.49
CA CYS C 47 12.45 26.47 26.46
C CYS C 47 13.11 26.61 25.10
N GLU C 48 13.44 27.85 24.72
CA GLU C 48 14.01 28.10 23.40
C GLU C 48 15.40 27.48 23.29
N ALA C 49 16.20 27.57 24.36
CA ALA C 49 17.51 26.93 24.35
C ALA C 49 17.38 25.42 24.21
N CYS C 50 16.38 24.82 24.86
CA CYS C 50 16.15 23.38 24.71
C CYS C 50 15.75 23.02 23.29
N ILE C 51 14.84 23.80 22.70
CA ILE C 51 14.46 23.59 21.30
C ILE C 51 15.67 23.68 20.39
N ASP C 52 16.58 24.62 20.66
CA ASP C 52 17.77 24.77 19.85
C ASP C 52 18.69 23.56 19.99
N ILE C 53 18.88 23.08 21.22
CA ILE C 53 19.62 21.83 21.41
C ILE C 53 18.96 20.68 20.65
N ALA C 54 17.63 20.55 20.81
CA ALA C 54 16.91 19.44 20.17
C ALA C 54 17.02 19.51 18.66
N ASN C 55 16.76 20.69 18.08
CA ASN C 55 16.85 20.85 16.63
C ASN C 55 18.27 20.64 16.12
N HIS C 56 19.28 21.04 16.90
CA HIS C 56 20.65 20.84 16.46
C HIS C 56 20.97 19.36 16.36
N ILE C 57 20.49 18.57 17.31
CA ILE C 57 20.66 17.11 17.24
C ILE C 57 19.86 16.55 16.08
N ASN C 58 18.63 17.04 15.90
CA ASN C 58 17.79 16.64 14.78
C ASN C 58 18.53 16.83 13.47
N ARG C 59 19.25 17.95 13.35
CA ARG C 59 19.92 18.29 12.11
C ARG C 59 21.17 17.46 11.87
N GLN C 60 21.99 17.24 12.91
CA GLN C 60 23.23 16.50 12.71
C GLN C 60 22.99 15.02 12.45
N GLN C 61 21.91 14.46 13.00
CA GLN C 61 21.57 13.07 12.76
C GLN C 61 20.40 12.89 11.81
N GLN C 62 19.86 14.00 11.27
CA GLN C 62 18.90 13.97 10.17
C GLN C 62 17.66 13.13 10.50
N LEU C 63 17.04 13.43 11.64
CA LEU C 63 15.87 12.67 12.09
C LEU C 63 14.56 13.19 11.52
N GLY C 64 14.53 14.36 10.91
CA GLY C 64 13.31 14.84 10.30
C GLY C 64 13.19 16.35 10.37
N ILE C 65 12.09 16.83 9.80
CA ILE C 65 11.72 18.26 9.77
C ILE C 65 10.60 18.47 10.76
N PRO C 66 10.80 19.28 11.81
CA PRO C 66 9.72 19.54 12.77
C PRO C 66 8.60 20.34 12.13
N GLN C 67 7.37 19.85 12.30
CA GLN C 67 6.18 20.55 11.83
C GLN C 67 5.67 21.60 12.82
N SER C 68 6.13 21.53 14.07
CA SER C 68 5.80 22.52 15.09
C SER C 68 6.96 22.53 16.09
N SER C 69 6.98 23.54 16.95
CA SER C 69 8.04 23.64 17.95
C SER C 69 8.06 22.43 18.88
N ARG C 70 6.89 22.02 19.35
CA ARG C 70 6.81 20.88 20.26
C ARG C 70 7.35 19.59 19.62
N ASP C 71 7.39 19.51 18.28
CA ASP C 71 7.80 18.30 17.57
C ASP C 71 9.30 18.09 17.66
N SER C 72 10.08 19.15 17.91
CA SER C 72 11.53 18.99 18.04
C SER C 72 11.85 17.96 19.11
N PHE C 73 11.07 17.93 20.19
CA PHE C 73 11.25 16.94 21.22
C PHE C 73 10.65 15.58 20.83
N THR C 74 9.62 15.57 19.99
CA THR C 74 9.04 14.30 19.55
C THR C 74 10.03 13.50 18.71
N LEU C 75 10.83 14.19 17.88
CA LEU C 75 11.83 13.51 17.08
C LEU C 75 12.95 12.90 17.93
N LEU C 76 13.30 13.55 19.04
CA LEU C 76 14.27 12.93 19.95
C LEU C 76 13.70 11.69 20.59
N ALA C 77 12.40 11.69 20.91
CA ALA C 77 11.78 10.54 21.55
C ALA C 77 11.59 9.40 20.56
N GLN C 78 11.25 9.70 19.31
CA GLN C 78 11.02 8.64 18.32
C GLN C 78 12.29 7.89 17.97
N ASN C 79 13.46 8.48 18.22
CA ASN C 79 14.73 7.80 18.04
C ASN C 79 15.36 7.39 19.37
N ASN C 80 14.58 7.43 20.45
CA ASN C 80 14.97 6.88 21.75
C ASN C 80 16.17 7.60 22.35
N LEU C 81 16.32 8.89 22.09
CA LEU C 81 17.39 9.64 22.74
C LEU C 81 16.93 10.40 23.97
N ILE C 82 15.63 10.57 24.17
CA ILE C 82 15.08 10.96 25.46
C ILE C 82 13.91 10.04 25.79
N THR C 83 13.70 9.81 27.08
CA THR C 83 12.53 9.04 27.49
C THR C 83 11.29 9.87 27.25
N GLN C 84 10.21 9.20 26.86
CA GLN C 84 9.02 9.93 26.43
C GLN C 84 8.28 10.63 27.58
N PRO C 85 8.27 10.11 28.82
CA PRO C 85 7.81 10.94 29.94
C PRO C 85 8.51 12.29 30.00
N LEU C 86 9.82 12.32 29.73
CA LEU C 86 10.52 13.60 29.68
C LEU C 86 10.19 14.37 28.40
N SER C 87 10.00 13.67 27.28
CA SER C 87 9.57 14.34 26.05
C SER C 87 8.27 15.10 26.27
N ASP C 88 7.28 14.47 26.91
CA ASP C 88 5.99 15.12 27.11
C ASP C 88 6.08 16.28 28.09
N ASN C 89 6.98 16.20 29.07
CA ASN C 89 7.16 17.32 29.99
C ASN C 89 7.71 18.55 29.26
N LEU C 90 8.74 18.35 28.45
CA LEU C 90 9.30 19.45 27.66
C LEU C 90 8.27 19.99 26.68
N LYS C 91 7.46 19.12 26.09
CA LYS C 91 6.42 19.56 25.17
C LYS C 91 5.37 20.41 25.87
N LYS C 92 5.10 20.08 27.13
CA LYS C 92 4.16 20.84 27.89
C LYS C 92 4.76 22.21 28.18
N MET C 93 6.08 22.25 28.34
CA MET C 93 6.75 23.51 28.62
C MET C 93 6.75 24.41 27.39
N VAL C 94 6.88 23.82 26.20
CA VAL C 94 6.75 24.58 24.97
C VAL C 94 5.36 25.20 24.85
N GLY C 95 4.32 24.43 25.18
CA GLY C 95 2.98 24.98 25.12
C GLY C 95 2.78 26.15 26.06
N LEU C 96 3.48 26.14 27.20
CA LEU C 96 3.36 27.28 28.11
C LEU C 96 4.12 28.47 27.57
N ARG C 97 5.30 28.23 26.97
CA ARG C 97 5.97 29.32 26.26
C ARG C 97 5.06 29.89 25.19
N ASN C 98 4.46 29.01 24.38
CA ASN C 98 3.50 29.44 23.37
C ASN C 98 2.43 30.34 23.97
N ILE C 99 1.95 30.02 25.17
CA ILE C 99 0.93 30.85 25.78
C ILE C 99 1.54 32.17 26.23
N ALA C 100 2.70 32.12 26.90
CA ALA C 100 3.32 33.34 27.43
C ALA C 100 3.77 34.27 26.31
N VAL C 101 4.08 33.73 25.13
CA VAL C 101 4.51 34.58 24.03
C VAL C 101 3.32 35.12 23.26
N HIS C 102 2.46 34.23 22.76
CA HIS C 102 1.40 34.62 21.86
C HIS C 102 0.20 35.23 22.56
N ASP C 103 0.13 35.11 23.88
CA ASP C 103 -0.99 35.64 24.64
C ASP C 103 -0.45 36.06 26.01
N ALA C 104 -0.23 37.37 26.16
CA ALA C 104 0.47 37.85 27.34
C ALA C 104 -0.29 37.55 28.63
N GLN C 105 -1.59 37.82 28.65
CA GLN C 105 -2.31 37.97 29.91
C GLN C 105 -3.12 36.75 30.33
N GLU C 106 -3.40 35.80 29.44
CA GLU C 106 -4.13 34.60 29.83
C GLU C 106 -3.20 33.48 30.31
N LEU C 107 -1.94 33.80 30.59
CA LEU C 107 -1.16 32.95 31.48
C LEU C 107 -1.86 32.88 32.83
N ASN C 108 -1.97 31.68 33.37
CA ASN C 108 -2.36 31.51 34.77
C ASN C 108 -1.09 31.28 35.58
N LEU C 109 -0.78 32.22 36.46
CA LEU C 109 0.52 32.20 37.14
C LEU C 109 0.64 31.05 38.11
N ASP C 110 -0.47 30.44 38.50
CA ASP C 110 -0.39 29.24 39.35
C ASP C 110 0.29 28.09 38.62
N ILE C 111 0.05 27.99 37.31
CA ILE C 111 0.85 27.08 36.48
C ILE C 111 2.31 27.51 36.47
N VAL C 112 2.57 28.82 36.40
CA VAL C 112 3.96 29.29 36.33
C VAL C 112 4.71 28.93 37.60
N VAL C 113 4.10 29.14 38.77
CA VAL C 113 4.77 28.78 40.02
C VAL C 113 4.86 27.27 40.15
N HIS C 114 3.87 26.53 39.65
CA HIS C 114 3.94 25.07 39.69
C HIS C 114 5.14 24.58 38.87
N VAL C 115 5.36 25.19 37.71
CA VAL C 115 6.51 24.84 36.89
C VAL C 115 7.79 25.12 37.66
N VAL C 116 7.87 26.30 38.29
CA VAL C 116 9.05 26.68 39.06
C VAL C 116 9.32 25.69 40.19
N GLN C 117 8.27 25.25 40.87
CA GLN C 117 8.47 24.47 42.08
C GLN C 117 8.73 22.99 41.80
N HIS C 118 8.21 22.46 40.71
CA HIS C 118 8.25 21.02 40.50
C HIS C 118 8.80 20.58 39.14
N HIS C 119 8.95 21.49 38.16
CA HIS C 119 9.23 21.06 36.79
C HIS C 119 10.49 21.64 36.14
N LEU C 120 11.27 22.38 36.91
CA LEU C 120 12.48 22.94 36.38
C LEU C 120 13.52 21.86 36.26
N GLU C 121 13.36 20.79 37.02
CA GLU C 121 14.27 19.67 36.87
C GLU C 121 14.03 18.88 35.59
N ASP C 122 12.88 19.12 34.93
CA ASP C 122 12.70 18.61 33.59
C ASP C 122 13.72 19.19 32.62
N PHE C 123 14.03 20.47 32.77
CA PHE C 123 15.13 21.05 32.01
C PHE C 123 16.43 20.33 32.34
N GLU C 124 16.72 20.12 33.62
CA GLU C 124 18.00 19.49 33.96
C GLU C 124 18.03 17.98 33.66
N GLN C 125 16.88 17.28 33.64
CA GLN C 125 16.85 15.93 33.05
C GLN C 125 17.09 15.95 31.56
N PHE C 126 16.43 16.86 30.83
CA PHE C 126 16.70 16.90 29.42
C PHE C 126 18.15 17.20 29.23
N ILE C 127 18.66 18.07 30.08
CA ILE C 127 20.10 18.40 29.96
C ILE C 127 20.97 17.24 30.53
N ASP C 128 20.35 16.48 31.49
CA ASP C 128 21.04 15.33 32.00
C ASP C 128 21.16 14.17 31.00
N VAL C 129 20.37 14.19 29.94
CA VAL C 129 20.47 13.10 28.99
C VAL C 129 21.38 13.42 27.82
N ILE C 130 21.20 14.57 27.22
CA ILE C 130 21.98 14.99 26.07
C ILE C 130 23.46 14.88 26.29
N LYS C 131 23.96 15.56 27.29
CA LYS C 131 25.39 15.58 27.53
C LYS C 131 26.08 14.25 27.25
N ALA C 132 25.46 13.18 27.68
CA ALA C 132 25.99 11.84 27.53
C ALA C 132 25.49 11.27 26.21
N GLU C 133 25.89 11.96 25.14
CA GLU C 133 25.51 11.58 23.81
C GLU C 133 26.08 12.56 22.80
N ASN D 2 -16.68 -19.28 -8.97
CA ASN D 2 -15.85 -18.69 -9.99
C ASN D 2 -14.45 -18.39 -9.44
N ASP D 3 -13.43 -18.79 -10.18
CA ASP D 3 -12.05 -18.65 -9.72
C ASP D 3 -11.74 -17.24 -9.22
N ILE D 4 -12.34 -16.20 -9.82
CA ILE D 4 -12.03 -14.83 -9.40
C ILE D 4 -12.38 -14.61 -7.93
N ILE D 5 -13.60 -14.99 -7.52
CA ILE D 5 -14.00 -14.76 -6.14
C ILE D 5 -13.34 -15.78 -5.20
N ILE D 6 -13.09 -17.00 -5.69
CA ILE D 6 -12.48 -18.01 -4.82
C ILE D 6 -11.06 -17.57 -4.42
N ASN D 7 -10.30 -17.01 -5.35
CA ASN D 7 -8.94 -16.61 -5.01
C ASN D 7 -8.91 -15.35 -4.17
N LYS D 8 -9.84 -14.43 -4.41
CA LYS D 8 -9.90 -13.23 -3.58
C LYS D 8 -10.23 -13.58 -2.13
N ILE D 9 -11.15 -14.52 -1.92
CA ILE D 9 -11.45 -14.98 -0.56
C ILE D 9 -10.23 -15.65 0.06
N ALA D 10 -9.44 -16.36 -0.76
CA ALA D 10 -8.22 -16.96 -0.23
C ALA D 10 -7.21 -15.91 0.21
N THR D 11 -7.01 -14.86 -0.59
CA THR D 11 -6.07 -13.81 -0.20
C THR D 11 -6.54 -13.06 1.05
N ILE D 12 -7.85 -12.80 1.16
CA ILE D 12 -8.35 -12.11 2.35
C ILE D 12 -8.07 -12.95 3.59
N LYS D 13 -8.33 -14.26 3.51
CA LYS D 13 -8.03 -15.15 4.63
C LYS D 13 -6.55 -15.15 4.95
N ARG D 14 -5.70 -15.28 3.92
CA ARG D 14 -4.26 -15.26 4.13
C ARG D 14 -3.81 -13.94 4.76
N CYS D 15 -4.36 -12.81 4.30
CA CYS D 15 -3.94 -11.52 4.83
C CYS D 15 -4.40 -11.34 6.27
N ILE D 16 -5.62 -11.78 6.58
CA ILE D 16 -6.10 -11.68 7.97
C ILE D 16 -5.21 -12.50 8.89
N LYS D 17 -4.76 -13.67 8.42
CA LYS D 17 -3.85 -14.50 9.23
C LYS D 17 -2.54 -13.79 9.51
N ARG D 18 -1.95 -13.17 8.48
CA ARG D 18 -0.65 -12.54 8.65
C ARG D 18 -0.74 -11.26 9.46
N ILE D 19 -1.87 -10.57 9.40
CA ILE D 19 -2.11 -9.43 10.27
C ILE D 19 -2.13 -9.90 11.72
N GLN D 20 -2.89 -10.95 11.99
CA GLN D 20 -2.97 -11.49 13.34
C GLN D 20 -1.62 -12.02 13.79
N GLN D 21 -0.93 -12.75 12.91
CA GLN D 21 0.38 -13.30 13.25
C GLN D 21 1.40 -12.20 13.52
N VAL D 22 1.37 -11.13 12.72
CA VAL D 22 2.39 -10.09 12.84
C VAL D 22 2.06 -9.13 13.96
N TYR D 23 0.77 -8.84 14.17
CA TYR D 23 0.40 -7.93 15.26
C TYR D 23 0.53 -8.60 16.61
N GLY D 24 0.17 -9.88 16.72
CA GLY D 24 0.31 -10.55 18.01
C GLY D 24 -0.62 -9.93 19.04
N ASP D 25 -0.16 -9.91 20.29
CA ASP D 25 -0.89 -9.24 21.37
C ASP D 25 -0.54 -7.75 21.43
N GLY D 26 -0.29 -7.10 20.30
CA GLY D 26 0.14 -5.73 20.40
C GLY D 26 1.55 -5.62 20.91
N SER D 27 2.20 -6.74 21.09
CA SER D 27 3.54 -6.75 21.63
C SER D 27 4.36 -5.52 21.25
N GLN D 28 5.39 -5.73 20.45
CA GLN D 28 6.29 -4.67 20.02
C GLN D 28 5.90 -4.01 18.74
N PHE D 29 4.68 -4.25 18.28
CA PHE D 29 4.17 -3.64 17.07
C PHE D 29 4.27 -2.17 17.33
N LYS D 30 4.62 -1.83 18.54
CA LYS D 30 4.68 -0.43 18.90
C LYS D 30 5.76 0.40 18.24
N GLN D 31 7.02 -0.01 18.35
CA GLN D 31 8.11 0.79 17.81
C GLN D 31 8.97 0.08 16.80
N ASP D 32 8.36 -0.66 15.90
CA ASP D 32 9.12 -1.37 14.88
C ASP D 32 8.40 -1.16 13.56
N PHE D 33 8.98 -0.33 12.69
CA PHE D 33 8.22 0.14 11.53
C PHE D 33 7.92 -0.95 10.51
N THR D 34 8.63 -2.08 10.55
CA THR D 34 8.39 -3.10 9.53
C THR D 34 7.12 -3.91 9.79
N LEU D 35 6.73 -4.12 11.06
CA LEU D 35 5.46 -4.83 11.26
C LEU D 35 4.25 -3.93 11.06
N GLN D 36 4.35 -2.64 11.36
CA GLN D 36 3.26 -1.74 11.00
C GLN D 36 3.10 -1.67 9.49
N ASP D 37 4.22 -1.62 8.76
CA ASP D 37 4.13 -1.63 7.29
C ASP D 37 3.47 -2.90 6.80
N SER D 38 3.85 -4.05 7.37
CA SER D 38 3.22 -5.31 7.00
C SER D 38 1.73 -5.27 7.27
N VAL D 39 1.34 -4.86 8.48
CA VAL D 39 -0.08 -4.80 8.83
C VAL D 39 -0.82 -3.85 7.89
N ILE D 40 -0.26 -2.66 7.64
CA ILE D 40 -0.94 -1.67 6.81
C ILE D 40 -1.15 -2.18 5.39
N LEU D 41 -0.12 -2.81 4.83
CA LEU D 41 -0.21 -3.25 3.44
C LEU D 41 -1.15 -4.44 3.28
N ASN D 42 -1.23 -5.32 4.28
CA ASN D 42 -2.14 -6.44 4.21
C ASN D 42 -3.59 -6.03 4.43
N LEU D 43 -3.80 -4.95 5.18
CA LEU D 43 -5.13 -4.34 5.29
C LEU D 43 -5.55 -3.74 3.95
N GLN D 44 -4.60 -3.09 3.27
CA GLN D 44 -4.85 -2.63 1.90
C GLN D 44 -5.23 -3.79 0.99
N ARG D 45 -4.43 -4.86 1.00
CA ARG D 45 -4.74 -6.04 0.20
C ARG D 45 -6.15 -6.55 0.50
N CYS D 46 -6.52 -6.62 1.78
CA CYS D 46 -7.88 -7.01 2.13
C CYS D 46 -8.91 -6.08 1.50
N CYS D 47 -8.69 -4.77 1.61
CA CYS D 47 -9.63 -3.80 1.06
C CYS D 47 -9.78 -3.97 -0.45
N GLU D 48 -8.66 -4.13 -1.16
CA GLU D 48 -8.71 -4.28 -2.61
C GLU D 48 -9.42 -5.57 -3.00
N ALA D 49 -9.13 -6.66 -2.30
CA ALA D 49 -9.80 -7.92 -2.61
C ALA D 49 -11.30 -7.82 -2.42
N CYS D 50 -11.75 -7.11 -1.37
CA CYS D 50 -13.17 -6.93 -1.15
C CYS D 50 -13.79 -6.09 -2.27
N ILE D 51 -13.13 -5.00 -2.65
CA ILE D 51 -13.65 -4.18 -3.75
C ILE D 51 -13.77 -4.99 -5.03
N ASP D 52 -12.78 -5.85 -5.30
CA ASP D 52 -12.82 -6.66 -6.51
C ASP D 52 -13.93 -7.71 -6.45
N ILE D 53 -14.11 -8.36 -5.30
CA ILE D 53 -15.26 -9.25 -5.12
C ILE D 53 -16.55 -8.49 -5.38
N ALA D 54 -16.68 -7.30 -4.79
CA ALA D 54 -17.90 -6.51 -4.95
C ALA D 54 -18.13 -6.17 -6.42
N ASN D 55 -17.08 -5.71 -7.12
CA ASN D 55 -17.22 -5.36 -8.52
C ASN D 55 -17.60 -6.56 -9.38
N HIS D 56 -17.07 -7.74 -9.05
CA HIS D 56 -17.39 -8.94 -9.81
C HIS D 56 -18.86 -9.32 -9.63
N ILE D 57 -19.37 -9.19 -8.41
CA ILE D 57 -20.79 -9.46 -8.16
C ILE D 57 -21.67 -8.40 -8.81
N ASN D 58 -21.30 -7.12 -8.68
CA ASN D 58 -22.07 -6.05 -9.33
C ASN D 58 -22.22 -6.31 -10.82
N ARG D 59 -21.16 -6.81 -11.47
CA ARG D 59 -21.17 -6.98 -12.91
C ARG D 59 -21.76 -8.33 -13.32
N GLN D 60 -21.55 -9.38 -12.51
CA GLN D 60 -22.16 -10.69 -12.78
C GLN D 60 -23.67 -10.63 -12.59
N GLN D 61 -24.13 -9.80 -11.66
CA GLN D 61 -25.54 -9.69 -11.32
C GLN D 61 -26.15 -8.45 -11.93
N GLN D 62 -25.36 -7.70 -12.69
CA GLN D 62 -25.81 -6.57 -13.50
C GLN D 62 -26.62 -5.58 -12.66
N LEU D 63 -26.03 -5.20 -11.52
CA LEU D 63 -26.61 -4.27 -10.58
C LEU D 63 -26.29 -2.82 -10.92
N GLY D 64 -25.33 -2.59 -11.81
CA GLY D 64 -24.95 -1.26 -12.23
C GLY D 64 -23.46 -1.19 -12.45
N ILE D 65 -22.95 -0.05 -12.88
CA ILE D 65 -21.52 0.16 -13.05
C ILE D 65 -21.05 0.98 -11.86
N PRO D 66 -20.13 0.47 -11.02
CA PRO D 66 -19.70 1.24 -9.84
C PRO D 66 -18.96 2.50 -10.25
N GLN D 67 -19.40 3.63 -9.68
CA GLN D 67 -18.73 4.90 -9.92
C GLN D 67 -17.53 5.12 -9.02
N SER D 68 -17.42 4.39 -7.92
CA SER D 68 -16.27 4.53 -7.03
C SER D 68 -16.07 3.23 -6.29
N SER D 69 -14.94 3.13 -5.58
CA SER D 69 -14.69 1.98 -4.73
C SER D 69 -15.77 1.87 -3.67
N ARG D 70 -16.21 3.01 -3.13
CA ARG D 70 -17.29 3.01 -2.16
C ARG D 70 -18.63 2.72 -2.81
N ASP D 71 -18.86 3.24 -4.02
CA ASP D 71 -20.13 2.98 -4.68
C ASP D 71 -20.28 1.51 -5.02
N SER D 72 -19.15 0.80 -5.10
CA SER D 72 -19.17 -0.65 -5.32
C SER D 72 -19.91 -1.37 -4.20
N PHE D 73 -19.72 -0.94 -2.95
CA PHE D 73 -20.41 -1.58 -1.84
C PHE D 73 -21.86 -1.11 -1.69
N THR D 74 -22.18 0.13 -2.09
CA THR D 74 -23.55 0.60 -2.04
C THR D 74 -24.44 -0.20 -2.99
N LEU D 75 -23.90 -0.57 -4.17
CA LEU D 75 -24.72 -1.33 -5.11
C LEU D 75 -25.10 -2.69 -4.53
N LEU D 76 -24.18 -3.32 -3.78
CA LEU D 76 -24.53 -4.56 -3.09
C LEU D 76 -25.52 -4.31 -1.96
N ALA D 77 -25.37 -3.17 -1.26
CA ALA D 77 -26.24 -2.87 -0.14
C ALA D 77 -27.65 -2.52 -0.61
N GLN D 78 -27.76 -1.83 -1.75
CA GLN D 78 -29.07 -1.47 -2.27
C GLN D 78 -29.85 -2.68 -2.78
N ASN D 79 -29.16 -3.78 -3.09
CA ASN D 79 -29.82 -5.03 -3.46
C ASN D 79 -29.79 -6.07 -2.33
N ASN D 80 -29.43 -5.64 -1.12
CA ASN D 80 -29.58 -6.44 0.09
C ASN D 80 -28.75 -7.73 0.07
N LEU D 81 -27.57 -7.70 -0.56
CA LEU D 81 -26.65 -8.84 -0.45
C LEU D 81 -25.60 -8.64 0.62
N ILE D 82 -25.44 -7.41 1.10
CA ILE D 82 -24.81 -7.11 2.37
C ILE D 82 -25.72 -6.13 3.09
N THR D 83 -25.78 -6.23 4.41
CA THR D 83 -26.53 -5.25 5.19
C THR D 83 -25.80 -3.91 5.20
N GLN D 84 -26.53 -2.85 5.56
CA GLN D 84 -26.01 -1.49 5.55
C GLN D 84 -24.85 -1.26 6.52
N PRO D 85 -24.89 -1.77 7.77
CA PRO D 85 -23.72 -1.59 8.65
C PRO D 85 -22.45 -2.22 8.11
N LEU D 86 -22.52 -3.42 7.52
CA LEU D 86 -21.32 -4.03 6.98
C LEU D 86 -20.84 -3.27 5.74
N SER D 87 -21.79 -2.79 4.92
CA SER D 87 -21.45 -1.92 3.80
C SER D 87 -20.67 -0.69 4.26
N ASP D 88 -21.18 -0.02 5.30
CA ASP D 88 -20.51 1.17 5.80
C ASP D 88 -19.18 0.84 6.46
N ASN D 89 -19.09 -0.33 7.09
CA ASN D 89 -17.82 -0.78 7.65
C ASN D 89 -16.81 -1.05 6.54
N LEU D 90 -17.22 -1.75 5.48
CA LEU D 90 -16.32 -1.97 4.36
C LEU D 90 -15.91 -0.65 3.70
N LYS D 91 -16.84 0.30 3.62
CA LYS D 91 -16.49 1.59 3.04
C LYS D 91 -15.45 2.33 3.86
N LYS D 92 -15.56 2.30 5.19
CA LYS D 92 -14.57 3.02 5.98
C LYS D 92 -13.21 2.35 5.91
N MET D 93 -13.15 1.08 5.49
CA MET D 93 -11.87 0.46 5.15
C MET D 93 -11.28 1.04 3.87
N VAL D 94 -12.12 1.51 2.94
CA VAL D 94 -11.60 2.13 1.73
C VAL D 94 -10.63 3.26 2.06
N GLY D 95 -10.95 4.04 3.09
CA GLY D 95 -10.11 5.12 3.59
C GLY D 95 -8.72 4.70 4.07
N LEU D 96 -8.49 3.40 4.30
CA LEU D 96 -7.23 2.96 4.89
C LEU D 96 -6.04 3.10 3.94
N ARG D 97 -6.24 2.80 2.66
CA ARG D 97 -5.19 2.94 1.66
C ARG D 97 -4.55 4.32 1.56
N ASN D 98 -5.13 5.35 2.18
CA ASN D 98 -4.56 6.69 2.14
C ASN D 98 -3.53 6.89 3.25
N ILE D 99 -3.82 6.42 4.47
CA ILE D 99 -2.90 6.72 5.57
C ILE D 99 -1.68 5.82 5.56
N ALA D 100 -1.58 4.87 4.61
CA ALA D 100 -0.26 4.38 4.25
C ALA D 100 0.64 5.53 3.82
N VAL D 101 0.09 6.41 2.99
CA VAL D 101 0.81 7.57 2.47
C VAL D 101 0.39 8.83 3.23
N GLN D 105 2.24 9.02 10.74
CA GLN D 105 2.11 7.59 10.98
C GLN D 105 2.35 7.22 12.44
N GLU D 106 1.99 8.08 13.37
CA GLU D 106 2.12 7.61 14.74
C GLU D 106 0.86 7.79 15.56
N LEU D 107 0.19 8.94 15.45
CA LEU D 107 -1.18 8.98 15.95
C LEU D 107 -2.19 8.50 14.92
N ASN D 108 -1.75 8.18 13.71
CA ASN D 108 -2.50 7.36 12.78
C ASN D 108 -2.29 5.87 13.02
N LEU D 109 -1.26 5.52 13.80
CA LEU D 109 -1.06 4.12 14.19
C LEU D 109 -2.16 3.66 15.13
N ASP D 110 -2.75 4.56 15.91
CA ASP D 110 -3.90 4.18 16.72
C ASP D 110 -5.09 3.82 15.84
N ILE D 111 -5.19 4.47 14.68
CA ILE D 111 -6.22 4.10 13.71
C ILE D 111 -6.00 2.66 13.26
N VAL D 112 -4.77 2.31 12.96
CA VAL D 112 -4.50 0.99 12.48
C VAL D 112 -4.81 -0.04 13.52
N VAL D 113 -4.40 0.24 14.74
CA VAL D 113 -4.65 -0.67 15.82
C VAL D 113 -6.13 -0.79 16.04
N HIS D 114 -6.83 0.32 15.93
CA HIS D 114 -8.28 0.25 16.08
C HIS D 114 -8.90 -0.72 15.09
N VAL D 115 -8.47 -0.64 13.81
CA VAL D 115 -9.02 -1.52 12.77
C VAL D 115 -8.63 -2.98 13.04
N VAL D 116 -7.37 -3.23 13.38
CA VAL D 116 -6.91 -4.59 13.64
C VAL D 116 -7.76 -5.23 14.74
N GLN D 117 -8.06 -4.48 15.80
CA GLN D 117 -8.75 -5.06 16.94
C GLN D 117 -10.25 -5.15 16.75
N HIS D 118 -10.84 -4.32 15.89
CA HIS D 118 -12.30 -4.24 15.82
C HIS D 118 -12.91 -4.43 14.44
N HIS D 119 -12.12 -4.36 13.38
CA HIS D 119 -12.69 -4.45 12.06
C HIS D 119 -12.24 -5.61 11.20
N LEU D 120 -11.39 -6.47 11.71
CA LEU D 120 -10.99 -7.64 10.94
C LEU D 120 -12.20 -8.49 10.67
N GLU D 121 -13.03 -8.63 11.66
CA GLU D 121 -14.25 -9.41 11.55
C GLU D 121 -15.14 -8.89 10.46
N ASP D 122 -14.96 -7.65 10.07
CA ASP D 122 -15.78 -7.09 9.02
C ASP D 122 -15.43 -7.73 7.70
N PHE D 123 -14.17 -8.04 7.49
CA PHE D 123 -13.74 -8.68 6.27
C PHE D 123 -14.27 -10.08 6.30
N GLU D 124 -14.09 -10.74 7.44
CA GLU D 124 -14.55 -12.10 7.63
C GLU D 124 -16.04 -12.23 7.43
N GLN D 125 -16.79 -11.28 7.95
CA GLN D 125 -18.20 -11.30 7.78
C GLN D 125 -18.53 -11.20 6.31
N PHE D 126 -17.78 -10.39 5.58
CA PHE D 126 -18.08 -10.20 4.17
C PHE D 126 -17.83 -11.46 3.35
N ILE D 127 -16.77 -12.21 3.66
CA ILE D 127 -16.49 -13.40 2.83
C ILE D 127 -17.47 -14.53 3.16
N ASP D 128 -17.92 -14.64 4.41
CA ASP D 128 -18.93 -15.66 4.72
C ASP D 128 -20.29 -15.31 4.12
N VAL D 129 -20.61 -14.02 4.01
CA VAL D 129 -21.83 -13.66 3.29
C VAL D 129 -21.69 -14.00 1.81
N ILE D 130 -20.47 -13.88 1.26
CA ILE D 130 -20.28 -14.18 -0.16
C ILE D 130 -20.23 -15.69 -0.39
N LYS D 131 -19.69 -16.44 0.58
CA LYS D 131 -19.66 -17.90 0.46
C LYS D 131 -21.05 -18.51 0.34
N ALA D 132 -22.11 -17.75 0.60
CA ALA D 132 -23.47 -18.20 0.35
C ALA D 132 -23.59 -18.55 -1.13
N GLU D 133 -23.44 -17.55 -2.00
CA GLU D 133 -23.23 -17.75 -3.43
C GLU D 133 -24.29 -18.64 -4.09
N GLN E 3 -12.57 4.60 -26.76
CA GLN E 3 -12.33 3.19 -27.04
C GLN E 3 -10.90 2.80 -26.75
N LEU E 4 -10.70 1.51 -26.46
CA LEU E 4 -9.36 0.96 -26.37
C LEU E 4 -8.74 0.89 -27.75
N ASN E 5 -7.49 1.32 -27.88
CA ASN E 5 -6.79 1.26 -29.16
C ASN E 5 -6.07 -0.08 -29.24
N GLU E 6 -6.76 -1.07 -29.81
CA GLU E 6 -6.18 -2.39 -29.92
C GLU E 6 -5.09 -2.44 -30.99
N ASN E 7 -5.05 -1.48 -31.92
CA ASN E 7 -3.99 -1.48 -32.92
C ASN E 7 -2.63 -1.13 -32.32
N LYS E 8 -2.58 -0.23 -31.33
CA LYS E 8 -1.30 0.09 -30.73
C LYS E 8 -0.85 -1.01 -29.77
N ILE E 9 -1.80 -1.71 -29.14
CA ILE E 9 -1.45 -2.88 -28.34
C ILE E 9 -0.77 -3.91 -29.23
N ILE E 10 -1.38 -4.19 -30.39
CA ILE E 10 -0.84 -5.20 -31.28
C ILE E 10 0.55 -4.80 -31.74
N LYS E 11 0.67 -3.59 -32.23
CA LYS E 11 1.93 -3.09 -32.73
C LYS E 11 3.01 -3.09 -31.70
N LEU E 12 2.70 -2.61 -30.51
CA LEU E 12 3.70 -2.55 -29.47
C LEU E 12 4.22 -3.90 -29.05
N LEU E 13 3.36 -4.90 -29.04
CA LEU E 13 3.79 -6.22 -28.64
C LEU E 13 4.56 -6.90 -29.73
N ARG E 14 4.17 -6.65 -30.97
CA ARG E 14 4.85 -7.23 -32.09
C ARG E 14 6.25 -6.66 -32.21
N ASP E 15 6.38 -5.38 -31.96
CA ASP E 15 7.66 -4.73 -32.03
C ASP E 15 8.57 -5.08 -30.89
N ASN E 16 8.07 -5.73 -29.86
CA ASN E 16 8.89 -6.01 -28.70
C ASN E 16 8.99 -7.47 -28.30
N ILE E 17 8.16 -8.36 -28.85
CA ILE E 17 8.21 -9.75 -28.40
C ILE E 17 8.66 -10.63 -29.55
N PRO E 18 9.81 -11.26 -29.46
CA PRO E 18 10.26 -12.12 -30.57
C PRO E 18 9.43 -13.39 -30.67
N LYS E 19 9.18 -13.80 -31.92
CA LYS E 19 8.39 -15.01 -32.22
C LYS E 19 7.08 -15.01 -31.45
N LEU E 20 6.35 -13.91 -31.53
CA LEU E 20 5.05 -13.81 -30.89
C LEU E 20 4.04 -14.65 -31.66
N GLN E 21 3.13 -15.28 -30.93
CA GLN E 21 2.15 -16.16 -31.57
C GLN E 21 0.71 -15.79 -31.25
N LEU E 22 0.41 -15.39 -30.03
CA LEU E 22 -0.95 -15.00 -29.66
C LEU E 22 -0.94 -13.72 -28.85
N ILE E 23 -1.96 -12.88 -29.06
CA ILE E 23 -2.26 -11.75 -28.18
C ILE E 23 -3.74 -11.84 -27.82
N TYR E 24 -4.03 -11.79 -26.53
CA TYR E 24 -5.40 -11.76 -26.03
C TYR E 24 -5.63 -10.53 -25.16
N LEU E 25 -6.77 -9.87 -25.38
CA LEU E 25 -7.33 -8.91 -24.43
C LEU E 25 -8.31 -9.70 -23.56
N PHE E 26 -8.15 -9.63 -22.22
CA PHE E 26 -9.04 -10.45 -21.42
C PHE E 26 -9.53 -9.84 -20.11
N GLY E 27 -9.24 -8.59 -19.79
CA GLY E 27 -9.67 -8.03 -18.52
C GLY E 27 -11.13 -7.64 -18.48
N SER E 28 -11.43 -6.60 -17.69
CA SER E 28 -12.75 -5.99 -17.76
C SER E 28 -12.95 -5.35 -19.12
N TYR E 29 -11.84 -4.95 -19.76
CA TYR E 29 -11.90 -4.22 -21.03
C TYR E 29 -12.39 -5.11 -22.15
N SER E 30 -12.24 -6.41 -21.99
CA SER E 30 -12.66 -7.37 -23.00
C SER E 30 -14.14 -7.68 -22.94
N GLN E 31 -14.73 -7.47 -21.78
CA GLN E 31 -16.15 -7.71 -21.59
C GLN E 31 -16.96 -6.45 -21.80
N GLY E 32 -16.53 -5.34 -21.22
CA GLY E 32 -17.27 -4.11 -21.37
C GLY E 32 -16.54 -2.86 -20.98
N THR E 33 -15.21 -2.97 -20.88
CA THR E 33 -14.32 -1.86 -20.53
C THR E 33 -14.62 -1.14 -19.24
N GLN E 34 -15.10 -1.86 -18.24
CA GLN E 34 -15.45 -1.28 -16.97
C GLN E 34 -14.44 -0.34 -16.32
N HIS E 35 -14.98 0.70 -15.71
CA HIS E 35 -14.23 1.76 -15.00
C HIS E 35 -12.72 1.77 -14.98
N SER E 38 -9.04 0.42 -13.22
CA SER E 38 -9.13 -0.89 -13.83
C SER E 38 -7.87 -1.23 -14.60
N ASP E 39 -7.38 -2.45 -14.42
CA ASP E 39 -6.29 -2.93 -15.24
C ASP E 39 -6.78 -3.16 -16.67
N ILE E 40 -5.91 -2.90 -17.63
CA ILE E 40 -5.99 -3.55 -18.93
C ILE E 40 -5.22 -4.86 -18.83
N ASP E 41 -5.92 -5.98 -19.02
CA ASP E 41 -5.31 -7.30 -18.90
C ASP E 41 -5.02 -7.82 -20.29
N ILE E 42 -3.74 -8.13 -20.54
CA ILE E 42 -3.29 -8.60 -21.84
C ILE E 42 -2.45 -9.86 -21.65
N ALA E 43 -2.73 -10.88 -22.46
CA ALA E 43 -1.98 -12.14 -22.45
C ALA E 43 -1.31 -12.33 -23.80
N VAL E 44 -0.06 -12.79 -23.77
CA VAL E 44 0.69 -13.11 -24.98
C VAL E 44 1.30 -14.50 -24.86
N LEU E 45 1.45 -15.16 -26.00
CA LEU E 45 2.22 -16.39 -26.10
C LEU E 45 3.27 -16.21 -27.19
N ALA E 46 4.52 -16.46 -26.81
CA ALA E 46 5.63 -16.46 -27.75
C ALA E 46 6.26 -17.85 -27.74
N ALA E 47 7.22 -18.05 -28.65
CA ALA E 47 7.85 -19.36 -28.78
C ALA E 47 8.68 -19.68 -27.55
N ASP E 48 9.24 -18.67 -26.89
CA ASP E 48 9.93 -18.84 -25.63
C ASP E 48 9.15 -18.15 -24.52
N THR E 49 9.38 -18.58 -23.29
CA THR E 49 8.87 -17.83 -22.17
C THR E 49 9.65 -16.52 -22.10
N LEU E 50 8.99 -15.46 -21.65
CA LEU E 50 9.69 -14.20 -21.56
C LEU E 50 10.34 -14.04 -20.20
N ASP E 51 11.45 -13.33 -20.17
CA ASP E 51 12.06 -12.93 -18.91
C ASP E 51 11.05 -12.12 -18.11
N ASN E 52 10.87 -12.49 -16.84
CA ASN E 52 9.81 -11.89 -16.03
C ASN E 52 10.03 -10.39 -15.85
N ILE E 53 11.27 -9.98 -15.56
CA ILE E 53 11.54 -8.56 -15.41
C ILE E 53 11.34 -7.84 -16.74
N ALA E 54 11.81 -8.43 -17.84
CA ALA E 54 11.57 -7.85 -19.15
C ALA E 54 10.08 -7.74 -19.45
N ARG E 55 9.28 -8.69 -18.97
CA ARG E 55 7.84 -8.65 -19.22
C ARG E 55 7.18 -7.53 -18.43
N TRP E 56 7.60 -7.34 -17.18
CA TRP E 56 7.09 -6.22 -16.39
C TRP E 56 7.48 -4.89 -17.04
N GLU E 57 8.69 -4.80 -17.59
CA GLU E 57 9.10 -3.58 -18.27
C GLU E 57 8.24 -3.28 -19.48
N LEU E 58 7.90 -4.29 -20.28
CA LEU E 58 7.06 -4.01 -21.44
C LEU E 58 5.63 -3.67 -21.01
N ALA E 59 5.17 -4.24 -19.89
CA ALA E 59 3.88 -3.82 -19.33
C ALA E 59 3.87 -2.32 -19.08
N GLN E 60 4.94 -1.80 -18.46
CA GLN E 60 4.98 -0.37 -18.17
C GLN E 60 5.11 0.44 -19.45
N LYS E 61 5.73 -0.13 -20.47
CA LYS E 61 5.83 0.53 -21.76
C LYS E 61 4.44 0.68 -22.39
N LEU E 62 3.64 -0.40 -22.38
CA LEU E 62 2.25 -0.29 -22.83
C LEU E 62 1.45 0.61 -21.92
N ALA E 63 1.70 0.53 -20.61
CA ALA E 63 1.02 1.41 -19.67
C ALA E 63 1.22 2.87 -20.03
N SER E 64 2.46 3.24 -20.34
CA SER E 64 2.73 4.61 -20.76
C SER E 64 2.00 4.94 -22.05
N ALA E 65 2.01 4.01 -23.01
CA ALA E 65 1.40 4.29 -24.30
C ALA E 65 -0.12 4.33 -24.23
N LEU E 66 -0.72 3.62 -23.27
CA LEU E 66 -2.17 3.61 -23.12
C LEU E 66 -2.66 4.44 -21.95
N ASP E 67 -1.76 5.07 -21.19
CA ASP E 67 -2.10 5.92 -20.06
C ASP E 67 -3.03 5.22 -19.08
N SER E 68 -2.72 3.97 -18.79
CA SER E 68 -3.47 3.17 -17.82
C SER E 68 -2.57 2.03 -17.36
N ASP E 69 -2.88 1.48 -16.19
CA ASP E 69 -2.12 0.33 -15.71
C ASP E 69 -2.42 -0.90 -16.57
N VAL E 70 -1.38 -1.69 -16.80
CA VAL E 70 -1.43 -2.82 -17.72
C VAL E 70 -0.89 -4.05 -17.01
N ASP E 71 -1.60 -5.17 -17.13
CA ASP E 71 -1.11 -6.46 -16.66
C ASP E 71 -0.82 -7.31 -17.89
N LEU E 72 0.46 -7.60 -18.12
CA LEU E 72 0.89 -8.39 -19.27
C LEU E 72 1.19 -9.80 -18.78
N VAL E 73 0.45 -10.77 -19.29
CA VAL E 73 0.53 -12.16 -18.85
C VAL E 73 1.25 -12.97 -19.92
N ASP E 74 2.28 -13.70 -19.51
CA ASP E 74 2.96 -14.63 -20.39
C ASP E 74 2.30 -16.00 -20.19
N LEU E 75 1.48 -16.41 -21.15
CA LEU E 75 0.73 -17.65 -21.02
C LEU E 75 1.62 -18.87 -20.92
N ARG E 76 2.87 -18.79 -21.39
CA ARG E 76 3.76 -19.93 -21.31
C ARG E 76 4.19 -20.24 -19.89
N SER E 77 4.06 -19.29 -18.97
CA SER E 77 4.39 -19.51 -17.56
C SER E 77 3.23 -19.18 -16.63
N ALA E 78 2.04 -18.89 -17.17
CA ALA E 78 0.90 -18.56 -16.33
C ALA E 78 0.24 -19.81 -15.78
N SER E 79 -0.49 -19.64 -14.69
CA SER E 79 -1.17 -20.76 -14.05
C SER E 79 -2.23 -21.34 -14.97
N THR E 80 -2.65 -22.57 -14.63
CA THR E 80 -3.77 -23.17 -15.34
C THR E 80 -5.05 -22.36 -15.12
N VAL E 81 -5.26 -21.91 -13.88
CA VAL E 81 -6.44 -21.09 -13.57
C VAL E 81 -6.49 -19.85 -14.46
N LEU E 82 -5.35 -19.20 -14.64
CA LEU E 82 -5.35 -17.94 -15.39
C LEU E 82 -5.34 -18.18 -16.89
N CYS E 83 -4.76 -19.30 -17.34
CA CYS E 83 -4.93 -19.70 -18.75
C CYS E 83 -6.39 -20.00 -19.07
N GLN E 84 -7.11 -20.65 -18.15
CA GLN E 84 -8.52 -20.94 -18.40
C GLN E 84 -9.32 -19.65 -18.56
N GLN E 85 -9.00 -18.64 -17.76
CA GLN E 85 -9.69 -17.36 -17.83
C GLN E 85 -9.44 -16.66 -19.17
N VAL E 86 -8.20 -16.74 -19.67
CA VAL E 86 -7.88 -16.10 -20.94
C VAL E 86 -8.64 -16.75 -22.10
N VAL E 87 -8.75 -18.08 -22.11
CA VAL E 87 -9.49 -18.71 -23.20
C VAL E 87 -10.99 -18.53 -22.99
N THR E 88 -11.44 -18.45 -21.73
CA THR E 88 -12.87 -18.35 -21.47
C THR E 88 -13.41 -16.98 -21.86
N GLN E 89 -12.76 -15.92 -21.40
CA GLN E 89 -13.26 -14.56 -21.56
C GLN E 89 -12.42 -13.71 -22.49
N GLY E 90 -11.33 -14.26 -23.03
CA GLY E 90 -10.39 -13.46 -23.78
C GLY E 90 -10.85 -13.16 -25.20
N LYS E 91 -10.37 -12.02 -25.71
CA LYS E 91 -10.56 -11.63 -27.09
C LYS E 91 -9.21 -11.71 -27.80
N GLN E 92 -9.11 -12.61 -28.77
CA GLN E 92 -7.89 -12.72 -29.55
C GLN E 92 -7.71 -11.49 -30.42
N LEU E 93 -6.55 -10.85 -30.31
CA LEU E 93 -6.22 -9.71 -31.15
C LEU E 93 -5.17 -10.02 -32.21
N TRP E 94 -4.50 -11.16 -32.12
CA TRP E 94 -3.47 -11.51 -33.11
C TRP E 94 -3.16 -12.99 -33.00
N GLY E 95 -2.61 -13.53 -34.08
CA GLY E 95 -2.24 -14.93 -34.16
C GLY E 95 -3.23 -15.74 -34.98
N THR E 96 -2.78 -16.93 -35.35
CA THR E 96 -3.58 -17.78 -36.22
C THR E 96 -4.69 -18.45 -35.43
N GLN E 97 -5.71 -18.92 -36.15
CA GLN E 97 -6.77 -19.68 -35.51
C GLN E 97 -6.25 -21.02 -35.01
N GLN E 98 -5.28 -21.60 -35.71
CA GLN E 98 -4.74 -22.90 -35.30
C GLN E 98 -4.04 -22.80 -33.95
N ASP E 99 -3.20 -21.78 -33.78
CA ASP E 99 -2.50 -21.61 -32.50
C ASP E 99 -3.49 -21.32 -31.38
N ASP E 100 -4.54 -20.55 -31.66
CA ASP E 100 -5.56 -20.26 -30.66
C ASP E 100 -6.28 -21.53 -30.22
N GLU E 101 -6.64 -22.40 -31.16
CA GLU E 101 -7.38 -23.61 -30.82
C GLU E 101 -6.49 -24.63 -30.13
N LEU E 102 -5.23 -24.74 -30.55
CA LEU E 102 -4.26 -25.57 -29.83
C LEU E 102 -4.15 -25.13 -28.38
N PHE E 103 -3.96 -23.83 -28.16
CA PHE E 103 -3.85 -23.32 -26.79
C PHE E 103 -5.11 -23.57 -25.99
N ALA E 104 -6.28 -23.43 -26.63
CA ALA E 104 -7.54 -23.54 -25.91
C ALA E 104 -7.77 -24.94 -25.32
N VAL E 105 -7.65 -25.99 -26.16
CA VAL E 105 -7.93 -27.36 -25.69
C VAL E 105 -6.84 -27.85 -24.75
N LYS E 106 -5.58 -27.45 -24.97
CA LYS E 106 -4.54 -27.74 -24.00
C LYS E 106 -4.87 -27.11 -22.66
N THR E 107 -5.27 -25.85 -22.67
CA THR E 107 -5.69 -25.17 -21.45
C THR E 107 -6.91 -25.84 -20.86
N ILE E 108 -7.98 -25.96 -21.65
CA ILE E 108 -9.23 -26.46 -21.11
C ILE E 108 -9.06 -27.87 -20.55
N SER E 109 -8.28 -28.71 -21.23
CA SER E 109 -8.02 -30.05 -20.72
C SER E 109 -7.29 -29.99 -19.39
N MET E 110 -6.19 -29.24 -19.34
CA MET E 110 -5.42 -29.10 -18.10
C MET E 110 -6.30 -28.58 -16.96
N TYR E 111 -7.26 -27.71 -17.28
CA TYR E 111 -8.09 -27.12 -16.23
C TYR E 111 -9.09 -28.12 -15.66
N GLN E 112 -9.70 -28.94 -16.51
CA GLN E 112 -10.63 -29.95 -16.01
C GLN E 112 -9.90 -31.01 -15.19
N HIS E 113 -8.65 -31.31 -15.56
CA HIS E 113 -7.84 -32.19 -14.71
C HIS E 113 -7.55 -31.54 -13.36
N LEU E 114 -7.25 -30.24 -13.34
CA LEU E 114 -6.94 -29.60 -12.08
C LEU E 114 -8.19 -29.51 -11.20
N GLN E 115 -9.37 -29.34 -11.81
CA GLN E 115 -10.59 -29.30 -11.03
C GLN E 115 -10.86 -30.64 -10.35
N ALA E 116 -10.57 -31.74 -11.05
CA ALA E 116 -10.66 -33.04 -10.41
C ALA E 116 -9.71 -33.15 -9.22
N GLU E 117 -8.48 -32.66 -9.39
CA GLU E 117 -7.47 -32.81 -8.35
C GLU E 117 -7.79 -31.98 -7.11
N ARG E 118 -8.30 -30.77 -7.28
CA ARG E 118 -8.37 -29.79 -6.20
C ARG E 118 -9.78 -29.53 -5.68
N GLN E 119 -10.78 -30.29 -6.13
CA GLN E 119 -12.17 -29.97 -5.81
C GLN E 119 -12.42 -30.02 -4.30
N ALA E 120 -11.89 -31.04 -3.63
CA ALA E 120 -12.07 -31.14 -2.18
C ALA E 120 -11.49 -29.93 -1.45
N ILE E 121 -10.37 -29.41 -1.96
CA ILE E 121 -9.79 -28.21 -1.36
C ILE E 121 -10.72 -27.02 -1.57
N ILE E 122 -11.24 -26.87 -2.79
CA ILE E 122 -12.16 -25.77 -3.10
C ILE E 122 -13.41 -25.87 -2.23
N ASP E 123 -13.95 -27.08 -2.11
CA ASP E 123 -15.18 -27.28 -1.35
C ASP E 123 -15.02 -26.84 0.10
N ASP E 124 -13.86 -27.13 0.69
CA ASP E 124 -13.67 -26.89 2.12
C ASP E 124 -13.53 -25.40 2.43
N VAL E 125 -12.90 -24.63 1.55
CA VAL E 125 -12.66 -23.22 1.86
C VAL E 125 -13.84 -22.32 1.53
N MET E 126 -14.81 -22.82 0.77
CA MET E 126 -16.02 -22.06 0.49
C MET E 126 -17.26 -22.70 1.11
N ALA E 127 -17.09 -23.45 2.19
CA ALA E 127 -18.20 -23.93 3.00
C ALA E 127 -17.88 -23.80 4.48
N ASN F 2 -11.15 -29.18 -39.42
CA ASN F 2 -10.24 -28.56 -38.46
C ASN F 2 -9.11 -29.53 -38.10
N ASP F 3 -7.87 -29.02 -38.08
CA ASP F 3 -6.71 -29.88 -37.85
C ASP F 3 -6.77 -30.53 -36.46
N ILE F 4 -7.30 -29.81 -35.47
CA ILE F 4 -7.39 -30.38 -34.13
C ILE F 4 -8.36 -31.55 -34.12
N ILE F 5 -9.43 -31.47 -34.93
CA ILE F 5 -10.37 -32.57 -34.99
C ILE F 5 -9.73 -33.77 -35.68
N ILE F 6 -9.08 -33.54 -36.83
CA ILE F 6 -8.55 -34.65 -37.60
C ILE F 6 -7.37 -35.30 -36.87
N ASN F 7 -6.74 -34.59 -35.94
CA ASN F 7 -5.59 -35.22 -35.30
C ASN F 7 -5.95 -36.14 -34.13
N LYS F 8 -7.05 -35.79 -33.50
CA LYS F 8 -7.63 -36.48 -32.38
C LYS F 8 -8.24 -37.72 -32.92
N ILE F 9 -9.07 -37.53 -33.92
CA ILE F 9 -9.76 -38.63 -34.58
C ILE F 9 -8.77 -39.71 -35.04
N ALA F 10 -7.63 -39.31 -35.60
CA ALA F 10 -6.57 -40.28 -35.89
C ALA F 10 -6.02 -40.90 -34.61
N THR F 11 -5.95 -40.12 -33.53
CA THR F 11 -5.53 -40.68 -32.25
C THR F 11 -6.53 -41.73 -31.75
N ILE F 12 -7.83 -41.44 -31.87
CA ILE F 12 -8.84 -42.39 -31.44
C ILE F 12 -8.72 -43.68 -32.24
N LYS F 13 -8.70 -43.56 -33.57
CA LYS F 13 -8.61 -44.76 -34.41
C LYS F 13 -7.30 -45.52 -34.17
N ARG F 14 -6.21 -44.79 -33.96
CA ARG F 14 -4.94 -45.45 -33.69
C ARG F 14 -4.95 -46.20 -32.36
N CYS F 15 -5.64 -45.67 -31.36
CA CYS F 15 -5.64 -46.27 -30.03
C CYS F 15 -6.67 -47.38 -29.87
N ILE F 16 -7.75 -47.35 -30.65
CA ILE F 16 -8.73 -48.45 -30.62
C ILE F 16 -8.09 -49.72 -31.18
N LYS F 17 -7.53 -49.64 -32.39
CA LYS F 17 -6.76 -50.74 -32.95
C LYS F 17 -5.67 -51.21 -31.99
N ARG F 18 -5.00 -50.26 -31.33
CA ARG F 18 -4.04 -50.61 -30.29
C ARG F 18 -4.68 -51.46 -29.22
N ILE F 19 -5.87 -51.06 -28.76
CA ILE F 19 -6.60 -51.85 -27.77
C ILE F 19 -6.90 -53.24 -28.31
N GLN F 20 -7.37 -53.32 -29.57
CA GLN F 20 -7.84 -54.58 -30.11
C GLN F 20 -6.70 -55.57 -30.36
N GLN F 21 -5.52 -55.07 -30.73
CA GLN F 21 -4.41 -55.96 -31.03
C GLN F 21 -3.79 -56.56 -29.77
N VAL F 22 -3.65 -55.74 -28.74
CA VAL F 22 -3.04 -56.21 -27.52
C VAL F 22 -3.91 -57.23 -26.84
N TYR F 23 -5.21 -57.15 -27.05
CA TYR F 23 -6.11 -58.12 -26.47
C TYR F 23 -6.68 -58.95 -27.60
N GLY F 24 -5.87 -59.77 -28.23
CA GLY F 24 -6.38 -60.60 -29.30
C GLY F 24 -7.29 -61.69 -28.76
N ASP F 25 -6.70 -62.79 -28.29
CA ASP F 25 -7.52 -63.88 -27.75
C ASP F 25 -8.13 -63.49 -26.41
N GLY F 26 -7.31 -63.04 -25.48
CA GLY F 26 -7.77 -62.77 -24.14
C GLY F 26 -7.65 -63.91 -23.18
N SER F 27 -6.97 -64.98 -23.59
CA SER F 27 -6.64 -66.06 -22.68
C SER F 27 -5.93 -65.45 -21.47
N GLN F 28 -4.73 -64.92 -21.69
CA GLN F 28 -3.92 -64.37 -20.60
C GLN F 28 -4.19 -62.90 -20.36
N PHE F 29 -5.39 -62.40 -20.68
CA PHE F 29 -5.64 -61.01 -20.33
C PHE F 29 -5.82 -60.85 -18.83
N LYS F 30 -6.68 -61.64 -18.20
CA LYS F 30 -7.04 -61.35 -16.80
C LYS F 30 -6.01 -61.79 -15.76
N GLN F 31 -4.85 -62.34 -16.16
CA GLN F 31 -3.80 -62.64 -15.20
C GLN F 31 -2.46 -62.02 -15.55
N ASP F 32 -2.27 -61.57 -16.78
CA ASP F 32 -1.17 -60.68 -17.15
C ASP F 32 -1.75 -59.26 -17.19
N PHE F 33 -1.41 -58.45 -16.20
CA PHE F 33 -1.92 -57.08 -16.14
C PHE F 33 -0.97 -56.08 -16.79
N THR F 34 0.01 -56.55 -17.56
CA THR F 34 0.77 -55.66 -18.44
C THR F 34 -0.05 -55.30 -19.68
N LEU F 35 -0.61 -56.29 -20.38
CA LEU F 35 -1.45 -56.01 -21.53
C LEU F 35 -2.67 -55.18 -21.17
N GLN F 36 -2.84 -54.83 -19.90
CA GLN F 36 -3.97 -54.05 -19.46
C GLN F 36 -3.61 -52.69 -18.95
N ASP F 37 -2.43 -52.55 -18.35
CA ASP F 37 -1.79 -51.25 -18.33
C ASP F 37 -1.84 -50.68 -19.73
N SER F 38 -1.59 -51.52 -20.75
CA SER F 38 -1.68 -51.08 -22.13
C SER F 38 -3.12 -50.73 -22.51
N VAL F 39 -4.06 -51.63 -22.24
CA VAL F 39 -5.43 -51.37 -22.69
C VAL F 39 -6.06 -50.23 -21.89
N ILE F 40 -5.71 -50.08 -20.62
CA ILE F 40 -6.26 -48.97 -19.83
C ILE F 40 -5.70 -47.64 -20.31
N LEU F 41 -4.39 -47.61 -20.59
CA LEU F 41 -3.77 -46.40 -21.12
C LEU F 41 -4.41 -45.99 -22.43
N ASN F 42 -4.42 -46.90 -23.42
CA ASN F 42 -4.98 -46.58 -24.72
C ASN F 42 -6.48 -46.35 -24.65
N LEU F 43 -7.14 -46.80 -23.59
CA LEU F 43 -8.55 -46.51 -23.42
C LEU F 43 -8.78 -45.05 -23.08
N GLN F 44 -7.96 -44.49 -22.17
CA GLN F 44 -8.18 -43.11 -21.77
C GLN F 44 -7.61 -42.13 -22.78
N ARG F 45 -6.68 -42.57 -23.63
CA ARG F 45 -6.31 -41.73 -24.77
C ARG F 45 -7.51 -41.52 -25.68
N CYS F 46 -8.32 -42.56 -25.90
CA CYS F 46 -9.57 -42.40 -26.61
C CYS F 46 -10.49 -41.42 -25.89
N CYS F 47 -10.67 -41.62 -24.58
CA CYS F 47 -11.48 -40.70 -23.78
C CYS F 47 -10.89 -39.29 -23.80
N GLU F 48 -9.61 -39.19 -23.55
CA GLU F 48 -8.98 -37.89 -23.58
C GLU F 48 -9.25 -37.24 -24.90
N ALA F 49 -8.99 -37.96 -25.98
CA ALA F 49 -9.23 -37.42 -27.30
C ALA F 49 -10.67 -37.03 -27.47
N CYS F 50 -11.59 -37.89 -27.11
CA CYS F 50 -13.00 -37.52 -27.21
C CYS F 50 -13.32 -36.24 -26.45
N ILE F 51 -12.78 -36.10 -25.24
CA ILE F 51 -13.07 -34.90 -24.46
C ILE F 51 -12.56 -33.64 -25.15
N ASP F 52 -11.49 -33.78 -25.97
CA ASP F 52 -10.83 -32.57 -26.50
C ASP F 52 -11.66 -31.99 -27.64
N ILE F 53 -12.23 -32.85 -28.49
CA ILE F 53 -13.20 -32.33 -29.47
C ILE F 53 -14.45 -31.76 -28.83
N ALA F 54 -14.90 -32.44 -27.77
CA ALA F 54 -16.04 -31.90 -27.02
C ALA F 54 -15.72 -30.52 -26.51
N ASN F 55 -14.55 -30.39 -25.88
CA ASN F 55 -14.06 -29.07 -25.45
C ASN F 55 -13.88 -28.13 -26.63
N HIS F 56 -13.25 -28.61 -27.71
CA HIS F 56 -12.97 -27.73 -28.83
C HIS F 56 -14.26 -27.22 -29.47
N ILE F 57 -15.25 -28.10 -29.63
CA ILE F 57 -16.50 -27.70 -30.26
C ILE F 57 -17.33 -26.83 -29.33
N ASN F 58 -17.31 -27.13 -28.03
CA ASN F 58 -18.03 -26.31 -27.06
C ASN F 58 -17.56 -24.87 -27.07
N ARG F 59 -16.27 -24.65 -27.35
CA ARG F 59 -15.74 -23.28 -27.37
C ARG F 59 -16.02 -22.58 -28.68
N GLN F 60 -15.77 -23.27 -29.81
CA GLN F 60 -15.96 -22.64 -31.12
C GLN F 60 -17.41 -22.21 -31.33
N GLN F 61 -18.35 -23.10 -31.02
CA GLN F 61 -19.77 -22.81 -31.18
C GLN F 61 -20.35 -21.97 -30.05
N GLN F 62 -19.50 -21.54 -29.11
CA GLN F 62 -19.88 -20.59 -28.05
C GLN F 62 -21.06 -21.11 -27.23
N LEU F 63 -20.98 -22.38 -26.83
CA LEU F 63 -21.98 -22.99 -25.99
C LEU F 63 -21.61 -22.96 -24.51
N GLY F 64 -20.44 -22.40 -24.17
CA GLY F 64 -19.93 -22.42 -22.82
C GLY F 64 -18.61 -23.16 -22.73
N ILE F 65 -17.84 -22.91 -21.68
CA ILE F 65 -16.59 -23.62 -21.44
C ILE F 65 -16.84 -24.60 -20.29
N PRO F 66 -16.71 -25.91 -20.53
CA PRO F 66 -16.96 -26.87 -19.45
C PRO F 66 -15.81 -26.87 -18.44
N GLN F 67 -16.16 -27.12 -17.18
CA GLN F 67 -15.16 -27.28 -16.14
C GLN F 67 -14.91 -28.73 -15.79
N SER F 68 -15.71 -29.65 -16.33
CA SER F 68 -15.48 -31.08 -16.17
C SER F 68 -15.74 -31.78 -17.49
N SER F 69 -15.09 -32.94 -17.67
CA SER F 69 -15.28 -33.71 -18.89
C SER F 69 -16.74 -34.08 -19.13
N ARG F 70 -17.49 -34.31 -18.04
CA ARG F 70 -18.92 -34.60 -18.16
C ARG F 70 -19.66 -33.43 -18.77
N ASP F 71 -19.50 -32.24 -18.17
CA ASP F 71 -20.19 -31.05 -18.65
C ASP F 71 -19.92 -30.80 -20.13
N SER F 72 -18.76 -31.25 -20.62
CA SER F 72 -18.44 -31.07 -22.03
C SER F 72 -19.37 -31.90 -22.91
N PHE F 73 -19.52 -33.19 -22.58
CA PHE F 73 -20.47 -34.02 -23.32
C PHE F 73 -21.91 -33.58 -23.08
N THR F 74 -22.20 -33.06 -21.89
CA THR F 74 -23.56 -32.63 -21.57
C THR F 74 -23.96 -31.42 -22.43
N LEU F 75 -23.02 -30.51 -22.68
CA LEU F 75 -23.35 -29.31 -23.45
C LEU F 75 -23.61 -29.63 -24.92
N LEU F 76 -22.91 -30.63 -25.48
CA LEU F 76 -23.15 -31.02 -26.86
C LEU F 76 -24.49 -31.73 -27.01
N ALA F 77 -24.88 -32.51 -25.99
CA ALA F 77 -26.21 -33.11 -25.98
C ALA F 77 -27.29 -32.06 -25.80
N GLN F 78 -27.06 -31.08 -24.91
CA GLN F 78 -28.02 -30.02 -24.67
C GLN F 78 -28.17 -29.08 -25.85
N ASN F 79 -27.29 -29.15 -26.85
CA ASN F 79 -27.46 -28.41 -28.10
C ASN F 79 -27.69 -29.33 -29.28
N ASN F 80 -27.92 -30.63 -29.03
CA ASN F 80 -28.40 -31.58 -30.03
C ASN F 80 -27.43 -31.76 -31.19
N LEU F 81 -26.14 -31.90 -30.86
CA LEU F 81 -25.15 -32.39 -31.80
C LEU F 81 -24.64 -33.77 -31.42
N ILE F 82 -25.04 -34.28 -30.26
CA ILE F 82 -24.74 -35.66 -29.88
C ILE F 82 -26.05 -36.32 -29.49
N THR F 83 -26.20 -37.58 -29.90
CA THR F 83 -27.26 -38.40 -29.34
C THR F 83 -27.04 -38.51 -27.83
N GLN F 84 -28.12 -38.39 -27.06
CA GLN F 84 -27.94 -38.20 -25.61
C GLN F 84 -27.49 -39.45 -24.87
N PRO F 85 -27.95 -40.66 -25.20
CA PRO F 85 -27.35 -41.84 -24.55
C PRO F 85 -25.90 -42.09 -24.95
N LEU F 86 -25.48 -41.65 -26.15
CA LEU F 86 -24.05 -41.65 -26.45
C LEU F 86 -23.32 -40.65 -25.56
N SER F 87 -24.00 -39.57 -25.17
CA SER F 87 -23.44 -38.69 -24.15
C SER F 87 -23.24 -39.45 -22.85
N ASP F 88 -24.20 -40.29 -22.46
CA ASP F 88 -24.03 -41.11 -21.27
C ASP F 88 -23.08 -42.28 -21.52
N ASN F 89 -23.06 -42.84 -22.72
CA ASN F 89 -22.16 -43.95 -23.00
C ASN F 89 -20.70 -43.51 -22.94
N LEU F 90 -20.42 -42.24 -23.22
CA LEU F 90 -19.06 -41.72 -23.07
C LEU F 90 -18.83 -41.11 -21.70
N LYS F 91 -19.86 -40.49 -21.10
CA LYS F 91 -19.74 -40.06 -19.71
C LYS F 91 -19.45 -41.25 -18.80
N LYS F 92 -20.05 -42.41 -19.11
CA LYS F 92 -19.73 -43.63 -18.37
C LYS F 92 -18.37 -44.19 -18.74
N MET F 93 -17.84 -43.86 -19.92
CA MET F 93 -16.53 -44.38 -20.29
C MET F 93 -15.40 -43.59 -19.64
N VAL F 94 -15.55 -42.27 -19.50
CA VAL F 94 -14.52 -41.52 -18.80
C VAL F 94 -14.59 -41.79 -17.30
N GLY F 95 -15.76 -42.24 -16.82
CA GLY F 95 -15.91 -42.66 -15.44
C GLY F 95 -15.27 -44.01 -15.17
N LEU F 96 -15.41 -44.95 -16.11
CA LEU F 96 -14.67 -46.20 -16.04
C LEU F 96 -13.18 -45.94 -16.03
N ARG F 97 -12.74 -44.94 -16.80
CA ARG F 97 -11.32 -44.67 -16.96
C ARG F 97 -10.72 -44.10 -15.67
N ASN F 98 -11.46 -43.23 -14.98
CA ASN F 98 -10.99 -42.68 -13.72
C ASN F 98 -10.63 -43.79 -12.74
N ILE F 99 -11.60 -44.68 -12.47
CA ILE F 99 -11.35 -45.84 -11.62
C ILE F 99 -10.24 -46.71 -12.20
N ALA F 100 -10.09 -46.73 -13.52
CA ALA F 100 -9.11 -47.59 -14.16
C ALA F 100 -7.69 -47.14 -13.84
N VAL F 101 -7.45 -45.84 -13.78
CA VAL F 101 -6.10 -45.30 -13.61
C VAL F 101 -5.84 -44.85 -12.18
N HIS F 102 -6.84 -44.32 -11.48
CA HIS F 102 -6.62 -43.71 -10.17
C HIS F 102 -6.97 -44.62 -9.00
N ASP F 103 -7.74 -45.69 -9.24
CA ASP F 103 -8.10 -46.63 -8.18
C ASP F 103 -8.10 -48.03 -8.81
N ALA F 104 -6.90 -48.56 -9.08
CA ALA F 104 -6.75 -49.73 -9.93
C ALA F 104 -7.01 -51.04 -9.21
N GLN F 105 -7.46 -51.02 -7.98
CA GLN F 105 -7.78 -52.28 -7.32
C GLN F 105 -9.28 -52.46 -7.10
N GLU F 106 -10.07 -51.40 -7.22
CA GLU F 106 -11.51 -51.55 -7.24
C GLU F 106 -12.06 -51.58 -8.66
N LEU F 107 -11.18 -51.87 -9.61
CA LEU F 107 -11.51 -51.98 -11.00
C LEU F 107 -12.06 -53.36 -11.31
N ASN F 108 -13.37 -53.45 -11.44
CA ASN F 108 -14.07 -54.70 -11.71
C ASN F 108 -13.43 -55.61 -12.75
N LEU F 109 -12.73 -55.02 -13.69
CA LEU F 109 -12.04 -55.75 -14.74
C LEU F 109 -13.00 -56.57 -15.60
N ASP F 110 -14.27 -56.55 -15.25
CA ASP F 110 -15.28 -57.25 -16.01
C ASP F 110 -15.79 -56.21 -17.02
N ILE F 111 -16.09 -55.02 -16.53
CA ILE F 111 -16.54 -53.93 -17.37
C ILE F 111 -15.46 -53.57 -18.39
N VAL F 112 -14.18 -53.69 -17.99
CA VAL F 112 -13.03 -53.58 -18.89
C VAL F 112 -13.33 -54.15 -20.25
N VAL F 113 -13.92 -55.34 -20.23
CA VAL F 113 -13.83 -56.32 -21.29
C VAL F 113 -15.22 -56.37 -21.86
N HIS F 114 -16.21 -56.00 -21.02
CA HIS F 114 -17.54 -55.65 -21.51
C HIS F 114 -17.51 -54.36 -22.31
N VAL F 115 -16.49 -53.53 -22.12
CA VAL F 115 -16.44 -52.26 -22.84
C VAL F 115 -15.57 -52.37 -24.09
N VAL F 116 -14.40 -53.01 -24.02
CA VAL F 116 -13.73 -53.39 -25.26
C VAL F 116 -14.61 -54.35 -26.05
N GLN F 117 -15.68 -54.87 -25.42
CA GLN F 117 -16.59 -55.84 -26.04
C GLN F 117 -17.65 -55.09 -26.86
N HIS F 118 -18.62 -54.51 -26.17
CA HIS F 118 -19.73 -53.85 -26.82
C HIS F 118 -19.73 -52.34 -26.92
N HIS F 119 -18.82 -51.69 -26.21
CA HIS F 119 -18.86 -50.24 -26.13
C HIS F 119 -17.69 -49.54 -26.71
N LEU F 120 -16.84 -50.27 -27.40
CA LEU F 120 -15.71 -49.66 -28.06
C LEU F 120 -16.12 -49.00 -29.36
N GLU F 121 -17.29 -49.34 -29.89
CA GLU F 121 -17.83 -48.72 -31.07
C GLU F 121 -18.28 -47.30 -30.72
N ASP F 122 -18.72 -47.08 -29.49
CA ASP F 122 -19.15 -45.78 -29.00
C ASP F 122 -18.12 -44.72 -29.36
N PHE F 123 -16.85 -45.00 -29.14
CA PHE F 123 -15.91 -43.99 -29.61
C PHE F 123 -16.15 -43.65 -31.08
N GLU F 124 -16.42 -44.65 -31.92
CA GLU F 124 -16.48 -44.41 -33.36
C GLU F 124 -17.89 -44.16 -33.91
N GLN F 125 -18.92 -44.03 -33.07
CA GLN F 125 -20.07 -43.24 -33.53
C GLN F 125 -19.90 -41.78 -33.19
N PHE F 126 -19.29 -41.48 -32.04
CA PHE F 126 -18.91 -40.09 -31.76
C PHE F 126 -18.01 -39.56 -32.86
N ILE F 127 -17.23 -40.47 -33.47
CA ILE F 127 -16.17 -40.05 -34.38
C ILE F 127 -16.77 -39.64 -35.72
N ASP F 128 -17.79 -40.38 -36.16
CA ASP F 128 -18.45 -40.10 -37.42
C ASP F 128 -19.51 -39.05 -37.24
N VAL F 129 -20.03 -38.87 -36.02
CA VAL F 129 -20.99 -37.81 -35.76
C VAL F 129 -20.31 -36.44 -35.81
N ILE F 130 -19.01 -36.38 -35.49
CA ILE F 130 -18.32 -35.11 -35.55
C ILE F 130 -17.92 -34.77 -36.99
N LYS F 131 -17.53 -35.78 -37.77
CA LYS F 131 -17.28 -35.59 -39.20
C LYS F 131 -18.56 -35.02 -39.81
N ASP G 3 -5.72 -42.03 6.17
CA ASP G 3 -6.01 -43.25 5.43
C ASP G 3 -5.81 -43.07 3.93
N ILE G 4 -6.23 -41.90 3.42
CA ILE G 4 -5.93 -41.53 2.04
C ILE G 4 -4.45 -41.52 1.74
N ILE G 5 -3.64 -40.97 2.65
CA ILE G 5 -2.23 -40.88 2.30
C ILE G 5 -1.59 -42.26 2.31
N ILE G 6 -1.99 -43.13 3.24
CA ILE G 6 -1.36 -44.44 3.33
C ILE G 6 -1.69 -45.29 2.11
N ASN G 7 -2.93 -45.17 1.58
CA ASN G 7 -3.26 -45.96 0.40
C ASN G 7 -2.59 -45.40 -0.85
N LYS G 8 -2.40 -44.08 -0.92
CA LYS G 8 -1.68 -43.49 -2.05
C LYS G 8 -0.21 -43.92 -2.04
N ILE G 9 0.42 -43.94 -0.86
CA ILE G 9 1.80 -44.40 -0.76
C ILE G 9 1.90 -45.85 -1.15
N ALA G 10 0.87 -46.65 -0.82
CA ALA G 10 0.87 -48.03 -1.24
C ALA G 10 0.83 -48.15 -2.76
N THR G 11 0.01 -47.33 -3.41
CA THR G 11 -0.05 -47.37 -4.87
C THR G 11 1.27 -46.97 -5.50
N ILE G 12 1.93 -45.94 -4.94
CA ILE G 12 3.21 -45.51 -5.47
C ILE G 12 4.23 -46.62 -5.36
N LYS G 13 4.27 -47.30 -4.21
CA LYS G 13 5.22 -48.39 -4.05
C LYS G 13 4.93 -49.55 -5.01
N ARG G 14 3.69 -50.02 -5.07
CA ARG G 14 3.41 -51.09 -6.02
C ARG G 14 3.51 -50.61 -7.49
N CYS G 15 3.22 -49.32 -7.78
CA CYS G 15 3.43 -48.88 -9.17
C CYS G 15 4.91 -48.81 -9.55
N ILE G 16 5.77 -48.29 -8.66
CA ILE G 16 7.20 -48.23 -8.96
C ILE G 16 7.78 -49.63 -9.17
N LYS G 17 7.50 -50.54 -8.24
CA LYS G 17 7.93 -51.93 -8.41
C LYS G 17 7.44 -52.51 -9.72
N ARG G 18 6.28 -52.05 -10.20
CA ARG G 18 5.76 -52.52 -11.46
C ARG G 18 6.51 -51.90 -12.64
N ILE G 19 6.94 -50.63 -12.53
CA ILE G 19 7.82 -50.04 -13.53
C ILE G 19 9.13 -50.82 -13.61
N GLN G 20 9.71 -51.10 -12.45
CA GLN G 20 11.01 -51.78 -12.41
C GLN G 20 10.93 -53.18 -13.01
N GLN G 21 9.89 -53.94 -12.66
CA GLN G 21 9.80 -55.31 -13.18
C GLN G 21 9.66 -55.34 -14.70
N VAL G 22 8.82 -54.47 -15.26
CA VAL G 22 8.56 -54.54 -16.69
C VAL G 22 9.69 -53.85 -17.45
N TYR G 23 10.25 -52.80 -16.91
CA TYR G 23 11.42 -52.25 -17.57
C TYR G 23 12.53 -53.07 -16.95
N GLY G 24 12.99 -54.09 -17.66
CA GLY G 24 14.04 -54.92 -17.13
C GLY G 24 15.35 -54.29 -17.47
N ASP G 25 16.04 -54.89 -18.42
CA ASP G 25 17.32 -54.36 -18.84
C ASP G 25 17.14 -53.24 -19.87
N GLY G 26 15.95 -53.11 -20.43
CA GLY G 26 15.69 -52.08 -21.40
C GLY G 26 16.14 -52.44 -22.79
N SER G 27 16.32 -53.73 -23.02
CA SER G 27 16.74 -54.17 -24.34
C SER G 27 15.71 -53.76 -25.36
N GLN G 28 14.44 -54.02 -25.06
CA GLN G 28 13.40 -53.67 -26.02
C GLN G 28 12.45 -52.54 -25.62
N PHE G 29 12.55 -52.01 -24.41
CA PHE G 29 11.61 -50.91 -24.14
C PHE G 29 11.39 -50.05 -25.37
N LYS G 30 12.48 -49.62 -26.01
CA LYS G 30 12.34 -48.74 -27.16
C LYS G 30 11.69 -49.43 -28.35
N GLN G 31 11.63 -50.76 -28.36
CA GLN G 31 11.13 -51.47 -29.54
C GLN G 31 9.69 -51.94 -29.43
N ASP G 32 9.22 -52.35 -28.25
CA ASP G 32 7.83 -52.81 -28.15
C ASP G 32 7.07 -51.76 -27.33
N PHE G 33 5.83 -51.50 -27.72
CA PHE G 33 5.05 -50.39 -27.17
C PHE G 33 4.18 -50.80 -25.99
N THR G 34 3.77 -52.07 -25.90
CA THR G 34 2.90 -52.50 -24.82
C THR G 34 3.57 -52.32 -23.47
N LEU G 35 4.89 -52.49 -23.43
CA LEU G 35 5.70 -52.27 -22.25
C LEU G 35 5.99 -50.80 -22.02
N GLN G 36 6.05 -50.00 -23.09
CA GLN G 36 6.04 -48.55 -22.96
C GLN G 36 4.72 -48.08 -22.37
N ASP G 37 3.62 -48.69 -22.81
CA ASP G 37 2.31 -48.30 -22.30
C ASP G 37 2.20 -48.57 -20.80
N SER G 38 2.64 -49.74 -20.37
CA SER G 38 2.58 -50.08 -18.94
C SER G 38 3.41 -49.12 -18.10
N VAL G 39 4.67 -48.89 -18.48
CA VAL G 39 5.52 -47.97 -17.70
C VAL G 39 4.93 -46.57 -17.69
N ILE G 40 4.48 -46.08 -18.85
CA ILE G 40 3.99 -44.70 -18.91
C ILE G 40 2.76 -44.51 -18.03
N LEU G 41 1.83 -45.49 -18.03
CA LEU G 41 0.65 -45.31 -17.20
C LEU G 41 0.99 -45.46 -15.72
N ASN G 42 1.93 -46.36 -15.38
CA ASN G 42 2.29 -46.48 -13.97
C ASN G 42 3.15 -45.31 -13.51
N LEU G 43 3.92 -44.67 -14.41
CA LEU G 43 4.52 -43.39 -14.04
C LEU G 43 3.45 -42.33 -13.82
N GLN G 44 2.43 -42.32 -14.68
CA GLN G 44 1.32 -41.38 -14.49
C GLN G 44 0.63 -41.61 -13.15
N ARG G 45 0.33 -42.87 -12.84
CA ARG G 45 -0.28 -43.22 -11.55
C ARG G 45 0.57 -42.74 -10.38
N CYS G 46 1.89 -42.97 -10.44
CA CYS G 46 2.77 -42.45 -9.40
C CYS G 46 2.65 -40.95 -9.30
N CYS G 47 2.69 -40.27 -10.46
CA CYS G 47 2.58 -38.82 -10.50
C CYS G 47 1.24 -38.36 -9.94
N GLU G 48 0.14 -39.03 -10.31
CA GLU G 48 -1.17 -38.60 -9.83
C GLU G 48 -1.23 -38.73 -8.32
N ALA G 49 -0.80 -39.89 -7.79
CA ALA G 49 -0.90 -40.19 -6.37
C ALA G 49 -0.12 -39.20 -5.51
N CYS G 50 1.04 -38.75 -5.97
CA CYS G 50 1.78 -37.73 -5.22
C CYS G 50 0.96 -36.46 -5.13
N ILE G 51 0.31 -36.06 -6.24
CA ILE G 51 -0.53 -34.88 -6.24
C ILE G 51 -1.66 -35.00 -5.22
N ASP G 52 -2.27 -36.20 -5.11
CA ASP G 52 -3.36 -36.37 -4.14
C ASP G 52 -2.84 -36.27 -2.71
N ILE G 53 -1.69 -36.91 -2.45
CA ILE G 53 -1.04 -36.77 -1.14
C ILE G 53 -0.80 -35.30 -0.84
N ALA G 54 -0.22 -34.58 -1.81
CA ALA G 54 0.07 -33.16 -1.60
C ALA G 54 -1.21 -32.37 -1.40
N ASN G 55 -2.22 -32.60 -2.27
CA ASN G 55 -3.48 -31.90 -2.13
C ASN G 55 -4.18 -32.27 -0.83
N HIS G 56 -4.01 -33.51 -0.37
CA HIS G 56 -4.62 -33.86 0.91
C HIS G 56 -3.93 -33.13 2.06
N ILE G 57 -2.60 -32.98 1.98
CA ILE G 57 -1.87 -32.27 3.03
C ILE G 57 -2.20 -30.78 3.03
N ASN G 58 -2.13 -30.14 1.85
CA ASN G 58 -2.51 -28.74 1.74
C ASN G 58 -3.90 -28.57 2.28
N ARG G 59 -4.76 -29.56 2.01
CA ARG G 59 -6.15 -29.50 2.44
C ARG G 59 -6.26 -29.54 3.95
N GLN G 60 -5.61 -30.52 4.58
CA GLN G 60 -5.73 -30.67 6.03
C GLN G 60 -5.01 -29.58 6.80
N GLN G 61 -4.23 -28.72 6.14
CA GLN G 61 -3.53 -27.63 6.80
C GLN G 61 -3.79 -26.28 6.15
N GLN G 62 -4.71 -26.20 5.19
CA GLN G 62 -5.15 -24.93 4.60
C GLN G 62 -3.97 -24.10 4.10
N LEU G 63 -3.13 -24.73 3.27
CA LEU G 63 -1.95 -24.04 2.78
C LEU G 63 -2.23 -23.19 1.54
N GLY G 64 -3.37 -23.38 0.91
CA GLY G 64 -3.71 -22.58 -0.25
C GLY G 64 -4.52 -23.39 -1.24
N ILE G 65 -4.90 -22.72 -2.31
CA ILE G 65 -5.66 -23.30 -3.41
C ILE G 65 -4.74 -23.48 -4.60
N PRO G 66 -4.50 -24.70 -5.09
CA PRO G 66 -3.60 -24.85 -6.24
C PRO G 66 -4.18 -24.22 -7.49
N GLN G 67 -3.36 -23.40 -8.14
CA GLN G 67 -3.71 -22.80 -9.43
C GLN G 67 -3.37 -23.70 -10.59
N SER G 68 -2.50 -24.69 -10.37
CA SER G 68 -2.11 -25.67 -11.36
C SER G 68 -1.67 -26.92 -10.60
N SER G 69 -1.49 -28.03 -11.33
CA SER G 69 -1.06 -29.26 -10.67
C SER G 69 0.30 -29.08 -10.00
N ARG G 70 1.23 -28.40 -10.69
CA ARG G 70 2.52 -28.09 -10.10
C ARG G 70 2.39 -27.30 -8.80
N ASP G 71 1.32 -26.51 -8.67
CA ASP G 71 1.14 -25.70 -7.47
C ASP G 71 0.96 -26.55 -6.22
N SER G 72 0.52 -27.80 -6.39
CA SER G 72 0.34 -28.68 -5.24
C SER G 72 1.65 -28.89 -4.50
N PHE G 73 2.75 -29.04 -5.24
CA PHE G 73 4.06 -29.21 -4.62
C PHE G 73 4.67 -27.87 -4.21
N THR G 74 4.33 -26.79 -4.92
CA THR G 74 4.85 -25.47 -4.53
C THR G 74 4.29 -25.05 -3.17
N LEU G 75 3.03 -25.40 -2.89
CA LEU G 75 2.42 -25.06 -1.62
C LEU G 75 3.07 -25.81 -0.45
N LEU G 76 3.48 -27.06 -0.66
CA LEU G 76 4.19 -27.78 0.41
C LEU G 76 5.59 -27.22 0.63
N ALA G 77 6.27 -26.79 -0.44
CA ALA G 77 7.63 -26.28 -0.28
C ALA G 77 7.62 -24.92 0.39
N GLN G 78 6.63 -24.08 0.08
CA GLN G 78 6.57 -22.75 0.68
C GLN G 78 6.26 -22.82 2.17
N ASN G 79 5.76 -23.95 2.66
CA ASN G 79 5.58 -24.19 4.09
C ASN G 79 6.61 -25.15 4.67
N ASN G 80 7.71 -25.41 3.96
CA ASN G 80 8.85 -26.16 4.48
C ASN G 80 8.51 -27.62 4.81
N LEU G 81 7.56 -28.21 4.08
CA LEU G 81 7.24 -29.61 4.29
C LEU G 81 7.95 -30.53 3.30
N ILE G 82 8.43 -29.99 2.18
CA ILE G 82 9.41 -30.64 1.34
C ILE G 82 10.50 -29.62 1.00
N THR G 83 11.72 -30.11 0.80
CA THR G 83 12.78 -29.21 0.36
C THR G 83 12.52 -28.80 -1.09
N GLN G 84 12.89 -27.55 -1.41
CA GLN G 84 12.64 -27.05 -2.75
C GLN G 84 13.38 -27.83 -3.84
N PRO G 85 14.54 -28.46 -3.62
CA PRO G 85 15.05 -29.38 -4.65
C PRO G 85 14.09 -30.52 -4.96
N LEU G 86 13.44 -31.08 -3.93
CA LEU G 86 12.49 -32.16 -4.16
C LEU G 86 11.21 -31.63 -4.79
N SER G 87 10.77 -30.43 -4.40
CA SER G 87 9.62 -29.80 -5.05
C SER G 87 9.85 -29.62 -6.54
N ASP G 88 11.04 -29.16 -6.93
CA ASP G 88 11.30 -28.94 -8.36
C ASP G 88 11.35 -30.24 -9.12
N ASN G 89 11.85 -31.31 -8.50
CA ASN G 89 11.85 -32.62 -9.16
C ASN G 89 10.44 -33.17 -9.34
N LEU G 90 9.60 -33.09 -8.30
CA LEU G 90 8.23 -33.56 -8.45
C LEU G 90 7.46 -32.75 -9.51
N LYS G 91 7.67 -31.43 -9.54
CA LYS G 91 7.00 -30.66 -10.59
C LYS G 91 7.52 -31.01 -11.97
N LYS G 92 8.78 -31.47 -12.08
CA LYS G 92 9.27 -31.94 -13.36
C LYS G 92 8.46 -33.15 -13.84
N MET G 93 8.03 -33.99 -12.90
CA MET G 93 7.27 -35.17 -13.29
C MET G 93 5.85 -34.79 -13.67
N VAL G 94 5.29 -33.79 -12.98
CA VAL G 94 3.98 -33.25 -13.34
C VAL G 94 3.99 -32.79 -14.79
N GLY G 95 5.07 -32.10 -15.20
CA GLY G 95 5.14 -31.68 -16.58
C GLY G 95 5.19 -32.85 -17.56
N LEU G 96 5.79 -33.97 -17.15
CA LEU G 96 5.86 -35.10 -18.06
C LEU G 96 4.51 -35.82 -18.10
N ARG G 97 3.81 -35.89 -16.96
CA ARG G 97 2.43 -36.38 -16.97
C ARG G 97 1.60 -35.54 -17.93
N ASN G 98 1.73 -34.21 -17.85
CA ASN G 98 1.03 -33.31 -18.74
C ASN G 98 1.31 -33.66 -20.21
N ILE G 99 2.58 -33.86 -20.54
CA ILE G 99 2.92 -34.12 -21.94
C ILE G 99 2.43 -35.51 -22.36
N ALA G 100 2.44 -36.46 -21.44
CA ALA G 100 1.89 -37.78 -21.73
C ALA G 100 0.39 -37.73 -21.92
N VAL G 101 -0.30 -36.91 -21.14
CA VAL G 101 -1.76 -36.96 -21.12
C VAL G 101 -2.37 -36.14 -22.25
N HIS G 102 -1.83 -34.96 -22.53
CA HIS G 102 -2.46 -34.07 -23.50
C HIS G 102 -1.93 -34.24 -24.92
N ASP G 103 -0.74 -34.81 -25.09
CA ASP G 103 -0.17 -34.98 -26.43
C ASP G 103 0.47 -36.35 -26.59
N LEU G 107 5.59 -37.37 -26.38
CA LEU G 107 6.57 -38.04 -25.52
C LEU G 107 7.73 -38.64 -26.30
N ASN G 108 8.84 -37.91 -26.38
CA ASN G 108 10.10 -38.56 -26.70
C ASN G 108 10.49 -39.43 -25.51
N LEU G 109 10.99 -40.63 -25.81
CA LEU G 109 11.07 -41.64 -24.77
C LEU G 109 12.47 -41.87 -24.21
N ASP G 110 13.49 -41.19 -24.74
CA ASP G 110 14.72 -41.05 -23.97
C ASP G 110 14.47 -40.31 -22.68
N ILE G 111 13.43 -39.48 -22.64
CA ILE G 111 13.01 -38.84 -21.39
C ILE G 111 12.44 -39.88 -20.42
N VAL G 112 11.57 -40.77 -20.90
CA VAL G 112 11.03 -41.76 -19.95
C VAL G 112 12.12 -42.75 -19.55
N VAL G 113 13.01 -43.14 -20.46
CA VAL G 113 14.06 -44.04 -19.99
C VAL G 113 14.93 -43.34 -18.96
N HIS G 114 15.17 -42.04 -19.14
CA HIS G 114 15.99 -41.30 -18.18
C HIS G 114 15.31 -41.20 -16.82
N VAL G 115 14.01 -40.90 -16.79
CA VAL G 115 13.33 -40.84 -15.50
C VAL G 115 13.29 -42.22 -14.85
N VAL G 116 12.97 -43.26 -15.63
CA VAL G 116 12.90 -44.61 -15.08
C VAL G 116 14.23 -45.01 -14.44
N GLN G 117 15.35 -44.69 -15.10
CA GLN G 117 16.63 -45.15 -14.61
C GLN G 117 17.24 -44.26 -13.52
N HIS G 118 16.84 -42.98 -13.44
CA HIS G 118 17.48 -42.08 -12.48
C HIS G 118 16.56 -41.29 -11.55
N HIS G 119 15.28 -41.19 -11.89
CA HIS G 119 14.40 -40.34 -11.13
C HIS G 119 13.25 -40.91 -10.35
N LEU G 120 13.23 -42.21 -10.17
CA LEU G 120 12.16 -42.80 -9.38
C LEU G 120 12.39 -42.54 -7.90
N GLU G 121 13.64 -42.38 -7.51
CA GLU G 121 14.04 -42.05 -6.18
C GLU G 121 13.25 -40.84 -5.68
N ASP G 122 12.90 -39.93 -6.59
CA ASP G 122 12.16 -38.74 -6.18
C ASP G 122 10.77 -39.10 -5.68
N PHE G 123 10.09 -40.05 -6.32
CA PHE G 123 8.85 -40.58 -5.77
C PHE G 123 9.08 -41.18 -4.39
N GLU G 124 10.13 -41.98 -4.26
CA GLU G 124 10.42 -42.67 -3.01
C GLU G 124 10.90 -41.71 -1.92
N GLN G 125 11.59 -40.63 -2.29
CA GLN G 125 11.96 -39.64 -1.28
C GLN G 125 10.75 -38.85 -0.80
N PHE G 126 9.80 -38.58 -1.71
CA PHE G 126 8.62 -37.83 -1.32
C PHE G 126 7.76 -38.61 -0.33
N ILE G 127 7.63 -39.92 -0.54
CA ILE G 127 6.81 -40.69 0.39
C ILE G 127 7.55 -40.90 1.71
N ASP G 128 8.88 -40.93 1.66
CA ASP G 128 9.66 -41.08 2.89
C ASP G 128 9.58 -39.82 3.75
N VAL G 129 9.52 -38.65 3.13
CA VAL G 129 9.32 -37.41 3.86
C VAL G 129 7.93 -37.38 4.47
N ILE G 130 6.90 -37.27 3.63
CA ILE G 130 5.50 -37.19 4.06
C ILE G 130 5.17 -38.11 5.23
N LYS G 131 5.49 -39.41 5.11
CA LYS G 131 5.18 -40.32 6.21
C LYS G 131 5.96 -39.95 7.47
N ALA G 132 7.20 -39.47 7.31
CA ALA G 132 7.97 -39.01 8.47
C ALA G 132 7.24 -37.93 9.25
N GLU G 133 6.26 -37.27 8.64
CA GLU G 133 5.34 -36.41 9.37
C GLU G 133 3.91 -36.77 9.05
N ASN H 2 8.40 25.98 0.25
CA ASN H 2 7.02 25.53 0.28
C ASN H 2 6.91 24.19 1.01
N ASP H 3 6.01 24.15 2.00
CA ASP H 3 5.99 23.05 2.95
C ASP H 3 5.61 21.72 2.30
N ILE H 4 4.70 21.75 1.33
CA ILE H 4 4.27 20.52 0.66
C ILE H 4 5.45 19.83 -0.02
N ILE H 5 6.28 20.60 -0.73
CA ILE H 5 7.39 19.99 -1.44
C ILE H 5 8.48 19.55 -0.47
N ILE H 6 8.69 20.31 0.61
CA ILE H 6 9.72 19.96 1.59
C ILE H 6 9.38 18.66 2.29
N ASN H 7 8.11 18.46 2.63
CA ASN H 7 7.74 17.24 3.35
C ASN H 7 7.70 16.02 2.44
N LYS H 8 7.31 16.20 1.18
CA LYS H 8 7.34 15.08 0.24
C LYS H 8 8.77 14.64 -0.04
N ILE H 9 9.69 15.58 -0.18
CA ILE H 9 11.11 15.23 -0.33
C ILE H 9 11.62 14.51 0.91
N ALA H 10 11.19 14.95 2.08
CA ALA H 10 11.58 14.26 3.32
C ALA H 10 10.99 12.86 3.37
N THR H 11 9.72 12.72 2.97
CA THR H 11 9.10 11.41 2.97
C THR H 11 9.81 10.46 2.01
N ILE H 12 10.21 10.96 0.83
CA ILE H 12 10.94 10.12 -0.11
C ILE H 12 12.28 9.69 0.47
N LYS H 13 13.02 10.63 1.08
CA LYS H 13 14.30 10.29 1.67
C LYS H 13 14.14 9.25 2.78
N ARG H 14 13.16 9.46 3.67
CA ARG H 14 12.95 8.52 4.77
C ARG H 14 12.64 7.12 4.24
N CYS H 15 11.80 7.03 3.20
CA CYS H 15 11.43 5.71 2.67
C CYS H 15 12.60 5.05 1.96
N ILE H 16 13.39 5.82 1.20
CA ILE H 16 14.55 5.26 0.52
C ILE H 16 15.53 4.67 1.53
N LYS H 17 15.74 5.38 2.64
CA LYS H 17 16.60 4.86 3.71
C LYS H 17 16.00 3.61 4.34
N ARG H 18 14.69 3.64 4.64
CA ARG H 18 14.06 2.46 5.24
C ARG H 18 14.05 1.28 4.28
N ILE H 19 14.00 1.53 2.98
CA ILE H 19 14.10 0.44 2.01
C ILE H 19 15.50 -0.17 2.05
N GLN H 20 16.53 0.67 2.01
CA GLN H 20 17.90 0.17 2.04
C GLN H 20 18.19 -0.55 3.35
N GLN H 21 17.75 0.02 4.46
CA GLN H 21 17.98 -0.60 5.76
C GLN H 21 17.29 -1.96 5.85
N VAL H 22 16.08 -2.08 5.29
CA VAL H 22 15.33 -3.32 5.45
C VAL H 22 15.79 -4.36 4.44
N TYR H 23 16.16 -3.94 3.23
CA TYR H 23 16.60 -4.93 2.24
C TYR H 23 17.98 -5.46 2.56
N GLY H 24 18.89 -4.61 3.05
CA GLY H 24 20.19 -5.13 3.39
C GLY H 24 20.89 -5.67 2.17
N ASP H 25 21.60 -6.79 2.35
CA ASP H 25 22.27 -7.50 1.28
C ASP H 25 21.36 -8.45 0.52
N GLY H 26 20.08 -8.50 0.87
CA GLY H 26 19.18 -9.41 0.22
C GLY H 26 19.11 -10.51 1.23
N SER H 27 19.80 -11.60 0.97
CA SER H 27 19.88 -12.70 1.89
C SER H 27 18.58 -13.20 2.49
N GLN H 28 18.11 -12.55 3.55
CA GLN H 28 16.90 -12.96 4.21
C GLN H 28 15.65 -12.33 3.66
N PHE H 29 15.81 -11.42 2.73
CA PHE H 29 14.66 -10.63 2.28
C PHE H 29 13.58 -11.50 1.64
N LYS H 30 13.96 -12.36 0.68
CA LYS H 30 12.98 -13.17 -0.04
C LYS H 30 12.38 -14.29 0.81
N GLN H 31 12.69 -14.34 2.11
CA GLN H 31 12.18 -15.39 2.99
C GLN H 31 11.44 -14.86 4.21
N ASP H 32 11.24 -13.55 4.32
CA ASP H 32 10.47 -12.96 5.41
C ASP H 32 9.43 -12.06 4.77
N PHE H 33 8.16 -12.48 4.81
CA PHE H 33 7.12 -11.68 4.17
C PHE H 33 6.98 -10.30 4.81
N THR H 34 7.47 -10.13 6.04
CA THR H 34 7.35 -8.83 6.70
C THR H 34 8.31 -7.81 6.11
N LEU H 35 9.50 -8.25 5.68
CA LEU H 35 10.43 -7.32 5.06
C LEU H 35 10.06 -7.02 3.61
N GLN H 36 9.43 -7.98 2.92
CA GLN H 36 8.87 -7.70 1.61
C GLN H 36 7.75 -6.69 1.68
N ASP H 37 6.87 -6.84 2.67
CA ASP H 37 5.75 -5.90 2.82
C ASP H 37 6.26 -4.49 3.10
N SER H 38 7.25 -4.37 3.99
CA SER H 38 7.81 -3.05 4.30
C SER H 38 8.40 -2.38 3.06
N VAL H 39 9.25 -3.11 2.32
CA VAL H 39 9.86 -2.57 1.12
C VAL H 39 8.79 -2.16 0.10
N ILE H 40 7.81 -3.04 -0.11
CA ILE H 40 6.79 -2.78 -1.12
C ILE H 40 5.96 -1.56 -0.75
N LEU H 41 5.60 -1.44 0.53
CA LEU H 41 4.78 -0.31 0.94
C LEU H 41 5.58 0.99 0.95
N ASN H 42 6.88 0.91 1.20
CA ASN H 42 7.72 2.10 1.13
C ASN H 42 7.99 2.52 -0.32
N LEU H 43 7.99 1.56 -1.25
CA LEU H 43 8.08 1.91 -2.66
C LEU H 43 6.84 2.67 -3.12
N GLN H 44 5.65 2.21 -2.70
CA GLN H 44 4.42 2.92 -3.02
C GLN H 44 4.44 4.33 -2.44
N ARG H 45 4.82 4.46 -1.17
CA ARG H 45 4.99 5.77 -0.56
C ARG H 45 5.89 6.67 -1.40
N CYS H 46 7.01 6.14 -1.89
CA CYS H 46 7.88 6.94 -2.77
C CYS H 46 7.14 7.39 -4.03
N CYS H 47 6.43 6.47 -4.68
CA CYS H 47 5.73 6.81 -5.92
C CYS H 47 4.68 7.90 -5.69
N GLU H 48 3.88 7.75 -4.63
CA GLU H 48 2.84 8.73 -4.36
C GLU H 48 3.43 10.09 -4.01
N ALA H 49 4.49 10.13 -3.22
CA ALA H 49 5.12 11.39 -2.88
C ALA H 49 5.63 12.10 -4.13
N CYS H 50 6.18 11.34 -5.09
CA CYS H 50 6.60 11.93 -6.35
C CYS H 50 5.40 12.45 -7.14
N ILE H 51 4.33 11.66 -7.21
CA ILE H 51 3.11 12.11 -7.89
C ILE H 51 2.58 13.40 -7.26
N ASP H 52 2.62 13.48 -5.92
CA ASP H 52 2.15 14.69 -5.26
C ASP H 52 3.04 15.90 -5.56
N ILE H 53 4.36 15.70 -5.54
CA ILE H 53 5.28 16.77 -5.97
C ILE H 53 4.97 17.21 -7.39
N ALA H 54 4.82 16.25 -8.30
CA ALA H 54 4.58 16.56 -9.70
C ALA H 54 3.29 17.36 -9.88
N ASN H 55 2.21 16.91 -9.24
CA ASN H 55 0.94 17.61 -9.36
C ASN H 55 1.00 19.00 -8.74
N HIS H 56 1.74 19.17 -7.64
CA HIS H 56 1.84 20.49 -7.04
C HIS H 56 2.59 21.45 -7.95
N ILE H 57 3.65 20.95 -8.61
CA ILE H 57 4.40 21.77 -9.57
C ILE H 57 3.55 22.06 -10.80
N ASN H 58 2.85 21.04 -11.32
CA ASN H 58 1.97 21.25 -12.46
C ASN H 58 0.96 22.35 -12.19
N ARG H 59 0.49 22.48 -10.95
CA ARG H 59 -0.53 23.44 -10.61
C ARG H 59 0.04 24.83 -10.34
N GLN H 60 1.10 24.93 -9.55
CA GLN H 60 1.66 26.25 -9.24
C GLN H 60 2.35 26.87 -10.45
N GLN H 61 2.91 26.04 -11.33
CA GLN H 61 3.50 26.54 -12.56
C GLN H 61 2.53 26.55 -13.73
N GLN H 62 1.28 26.15 -13.51
CA GLN H 62 0.21 26.24 -14.51
C GLN H 62 0.59 25.56 -15.82
N LEU H 63 1.02 24.30 -15.73
CA LEU H 63 1.39 23.56 -16.93
C LEU H 63 0.21 22.80 -17.53
N GLY H 64 -0.85 22.59 -16.77
CA GLY H 64 -2.05 21.90 -17.22
C GLY H 64 -2.62 21.08 -16.07
N ILE H 65 -3.74 20.41 -16.35
CA ILE H 65 -4.38 19.52 -15.38
C ILE H 65 -4.06 18.08 -15.79
N PRO H 66 -3.34 17.32 -14.97
CA PRO H 66 -3.10 15.90 -15.30
C PRO H 66 -4.37 15.07 -15.15
N GLN H 67 -4.67 14.25 -16.17
CA GLN H 67 -5.81 13.33 -16.07
C GLN H 67 -5.45 12.02 -15.36
N SER H 68 -4.17 11.70 -15.19
CA SER H 68 -3.80 10.45 -14.55
C SER H 68 -2.46 10.62 -13.85
N SER H 69 -2.10 9.61 -13.05
CA SER H 69 -0.82 9.64 -12.34
C SER H 69 0.35 9.72 -13.32
N ARG H 70 0.24 9.03 -14.46
CA ARG H 70 1.31 9.11 -15.44
C ARG H 70 1.33 10.45 -16.15
N ASP H 71 0.16 11.08 -16.31
CA ASP H 71 0.12 12.40 -16.92
C ASP H 71 0.79 13.45 -16.05
N SER H 72 0.90 13.19 -14.74
CA SER H 72 1.61 14.12 -13.87
C SER H 72 3.06 14.26 -14.29
N PHE H 73 3.70 13.16 -14.64
CA PHE H 73 5.09 13.20 -15.09
C PHE H 73 5.20 13.59 -16.56
N THR H 74 4.18 13.29 -17.37
CA THR H 74 4.21 13.70 -18.77
C THR H 74 4.19 15.22 -18.91
N LEU H 75 3.45 15.91 -18.03
CA LEU H 75 3.44 17.37 -18.08
C LEU H 75 4.78 17.97 -17.69
N LEU H 76 5.46 17.38 -16.70
CA LEU H 76 6.79 17.90 -16.34
C LEU H 76 7.81 17.65 -17.45
N ALA H 77 7.71 16.52 -18.15
CA ALA H 77 8.67 16.24 -19.20
C ALA H 77 8.45 17.15 -20.40
N GLN H 78 7.19 17.41 -20.75
CA GLN H 78 6.90 18.25 -21.90
C GLN H 78 7.29 19.71 -21.67
N ASN H 79 7.46 20.12 -20.42
CA ASN H 79 7.99 21.44 -20.11
C ASN H 79 9.45 21.39 -19.70
N ASN H 80 10.10 20.24 -19.90
CA ASN H 80 11.55 20.12 -19.76
C ASN H 80 12.01 20.42 -18.34
N LEU H 81 11.18 20.12 -17.34
CA LEU H 81 11.61 20.25 -15.95
C LEU H 81 12.15 18.94 -15.41
N ILE H 82 11.82 17.82 -16.07
CA ILE H 82 12.50 16.55 -15.92
C ILE H 82 12.76 16.02 -17.33
N THR H 83 13.83 15.26 -17.48
CA THR H 83 14.10 14.64 -18.77
C THR H 83 13.08 13.55 -19.07
N GLN H 84 12.95 13.24 -20.36
CA GLN H 84 12.07 12.16 -20.77
C GLN H 84 12.48 10.80 -20.20
N PRO H 85 13.76 10.42 -20.18
CA PRO H 85 14.12 9.15 -19.50
C PRO H 85 13.71 9.10 -18.04
N LEU H 86 13.87 10.19 -17.29
CA LEU H 86 13.46 10.16 -15.90
C LEU H 86 11.94 10.15 -15.79
N SER H 87 11.27 10.87 -16.69
CA SER H 87 9.82 10.81 -16.77
C SER H 87 9.33 9.38 -16.97
N ASP H 88 9.95 8.65 -17.90
CA ASP H 88 9.53 7.27 -18.17
C ASP H 88 9.88 6.34 -17.01
N ASN H 89 10.98 6.60 -16.31
CA ASN H 89 11.29 5.80 -15.13
C ASN H 89 10.27 6.01 -14.03
N LEU H 90 9.90 7.25 -13.75
CA LEU H 90 8.88 7.51 -12.72
C LEU H 90 7.54 6.89 -13.09
N LYS H 91 7.16 6.91 -14.37
CA LYS H 91 5.91 6.27 -14.77
C LYS H 91 5.95 4.77 -14.49
N LYS H 92 7.10 4.14 -14.77
CA LYS H 92 7.26 2.71 -14.53
C LYS H 92 6.87 2.33 -13.12
N MET H 93 7.20 3.19 -12.17
CA MET H 93 7.03 2.89 -10.75
C MET H 93 5.56 2.97 -10.36
N VAL H 94 4.77 3.79 -11.08
CA VAL H 94 3.33 3.82 -10.90
C VAL H 94 2.76 2.41 -10.98
N GLY H 95 3.33 1.58 -11.86
CA GLY H 95 2.94 0.18 -11.96
C GLY H 95 3.13 -0.61 -10.67
N LEU H 96 3.98 -0.15 -9.77
CA LEU H 96 4.25 -0.90 -8.53
C LEU H 96 3.04 -0.94 -7.61
N ARG H 97 2.16 0.06 -7.69
CA ARG H 97 0.94 0.04 -6.88
C ARG H 97 0.18 -1.27 -7.01
N ASN H 98 0.07 -1.81 -8.22
CA ASN H 98 -0.69 -3.03 -8.43
C ASN H 98 0.14 -4.29 -8.24
N ILE H 99 1.32 -4.19 -7.63
CA ILE H 99 2.11 -5.38 -7.34
C ILE H 99 1.97 -5.82 -5.88
N ALA H 100 1.46 -4.96 -5.00
CA ALA H 100 1.08 -5.40 -3.67
C ALA H 100 -0.11 -6.35 -3.75
N VAL H 101 -1.05 -6.06 -4.64
CA VAL H 101 -2.30 -6.78 -4.72
C VAL H 101 -2.41 -7.54 -6.04
N GLN H 105 2.91 -14.28 -6.11
CA GLN H 105 3.55 -13.15 -5.42
C GLN H 105 5.06 -13.19 -5.64
N GLU H 106 5.61 -14.41 -5.67
CA GLU H 106 7.03 -14.60 -5.90
C GLU H 106 7.43 -14.42 -7.36
N LEU H 107 6.48 -14.55 -8.29
CA LEU H 107 6.69 -14.06 -9.64
C LEU H 107 7.11 -12.60 -9.62
N ASN H 108 6.71 -11.86 -8.59
CA ASN H 108 6.90 -10.42 -8.52
C ASN H 108 8.07 -10.00 -7.64
N LEU H 109 8.54 -10.86 -6.74
CA LEU H 109 9.54 -10.40 -5.78
C LEU H 109 10.87 -10.08 -6.45
N ASP H 110 11.16 -10.66 -7.62
CA ASP H 110 12.33 -10.22 -8.37
C ASP H 110 12.08 -8.91 -9.10
N ILE H 111 10.82 -8.60 -9.41
CA ILE H 111 10.49 -7.25 -9.87
C ILE H 111 10.86 -6.25 -8.79
N VAL H 112 10.50 -6.57 -7.54
CA VAL H 112 10.78 -5.68 -6.42
C VAL H 112 12.28 -5.57 -6.15
N VAL H 113 13.00 -6.68 -6.23
CA VAL H 113 14.45 -6.62 -6.03
C VAL H 113 15.10 -5.86 -7.18
N HIS H 114 14.56 -6.01 -8.39
CA HIS H 114 15.05 -5.25 -9.53
C HIS H 114 14.87 -3.76 -9.32
N VAL H 115 13.70 -3.37 -8.82
CA VAL H 115 13.42 -1.96 -8.57
C VAL H 115 14.31 -1.45 -7.44
N VAL H 116 14.44 -2.21 -6.36
CA VAL H 116 15.29 -1.82 -5.23
C VAL H 116 16.72 -1.60 -5.70
N GLN H 117 17.22 -2.48 -6.56
CA GLN H 117 18.63 -2.44 -6.94
C GLN H 117 18.93 -1.44 -8.03
N HIS H 118 17.94 -1.08 -8.86
CA HIS H 118 18.22 -0.28 -10.04
C HIS H 118 17.43 1.01 -10.18
N HIS H 119 16.36 1.24 -9.41
CA HIS H 119 15.54 2.39 -9.66
C HIS H 119 15.31 3.32 -8.48
N LEU H 120 15.90 3.05 -7.31
CA LEU H 120 15.78 4.00 -6.22
C LEU H 120 16.51 5.30 -6.53
N GLU H 121 17.57 5.20 -7.33
CA GLU H 121 18.29 6.38 -7.80
C GLU H 121 17.42 7.29 -8.67
N ASP H 122 16.37 6.75 -9.29
CA ASP H 122 15.43 7.58 -10.01
C ASP H 122 14.64 8.48 -9.07
N PHE H 123 14.24 7.94 -7.90
CA PHE H 123 13.66 8.78 -6.86
C PHE H 123 14.63 9.86 -6.41
N GLU H 124 15.88 9.48 -6.14
CA GLU H 124 16.84 10.48 -5.67
C GLU H 124 17.21 11.47 -6.76
N GLN H 125 17.16 11.04 -8.02
CA GLN H 125 17.38 11.97 -9.12
C GLN H 125 16.22 12.93 -9.29
N PHE H 126 14.99 12.46 -9.04
CA PHE H 126 13.84 13.35 -9.16
C PHE H 126 13.85 14.43 -8.07
N ILE H 127 14.20 14.05 -6.84
CA ILE H 127 14.20 15.04 -5.78
C ILE H 127 15.40 15.98 -5.90
N ASP H 128 16.49 15.52 -6.51
CA ASP H 128 17.61 16.42 -6.76
C ASP H 128 17.25 17.47 -7.80
N VAL H 129 16.45 17.08 -8.80
CA VAL H 129 15.96 18.06 -9.77
C VAL H 129 14.98 19.03 -9.11
N ILE H 130 14.17 18.53 -8.17
CA ILE H 130 13.18 19.40 -7.53
C ILE H 130 13.84 20.34 -6.54
N LYS H 131 14.84 19.87 -5.79
CA LYS H 131 15.56 20.76 -4.87
C LYS H 131 16.23 21.90 -5.63
N ALA H 132 16.85 21.59 -6.77
CA ALA H 132 17.44 22.63 -7.60
C ALA H 132 16.40 23.54 -8.23
N GLU H 133 15.12 23.23 -8.09
CA GLU H 133 13.99 24.08 -8.46
C GLU H 133 14.19 24.88 -9.74
#